data_9VBH
#
_entry.id   9VBH
#
_cell.length_a   1.00
_cell.length_b   1.00
_cell.length_c   1.00
_cell.angle_alpha   90.00
_cell.angle_beta   90.00
_cell.angle_gamma   90.00
#
_symmetry.space_group_name_H-M   'P 1'
#
loop_
_entity.id
_entity.type
_entity.pdbx_description
1 polymer "5'-3' exonuclease PLD3"
2 polymer "DNA (5'-D(*TP*TP*TP*T)-3')"
3 branched 2-acetamido-2-deoxy-beta-D-glucopyranose-(1-4)-2-acetamido-2-deoxy-beta-D-glucopyranose
4 branched beta-D-mannopyranose-(1-4)-2-acetamido-2-deoxy-beta-D-glucopyranose-(1-4)-2-acetamido-2-deoxy-beta-D-glucopyranose
5 branched alpha-D-mannopyranose-(1-3)-[alpha-D-mannopyranose-(1-6)]beta-D-mannopyranose-(1-4)-2-acetamido-2-deoxy-beta-D-glucopyranose-(1-4)-2-acetamido-2-deoxy-beta-D-glucopyranose
#
loop_
_entity_poly.entity_id
_entity_poly.type
_entity_poly.pdbx_seq_one_letter_code
_entity_poly.pdbx_strand_id
1 'polypeptide(L)'
;EYGDLHLFGPNQRPAPCYDPCEAVLVESIPEGLDFPNASTGNPSTSQAWLGLLAGAHSSLDIASFYWTLTNNDTHTQEPS
AQQGEEVLRQLQTLAPKGVNVRIAVSKPSGPQPQADLQALLQSGAQVRMVDMQKLTHGVLATKFWVVDQTHFYLGSANMD
WRSLTQVKELGVVMYNCSCLARDLTKIFEAYWFLGQAGSSIPSTWPRFYDTRYNQETPMEICLNGTPALAYLASAPPPLC
PSGRTPDLKALLNVVDNARSFIYVAVMNYLPTLEFSHPHRFWPAIDDGLRRATYERGVKVRLLISCWGHSEPSMRAFLLS
LAALRDNHTHSDIQVKLFVVPADEAQARIPYARVNANKYMVTERATYIGTSNWSGNYFTETAGTSLLVTQNGRGGLRSQL
EAIFLRDWDSPYSHDLDTSADSVGNACRLLLEVLFQ
;
A,C
2 'polydeoxyribonucleotide'
;(DT)(DT)(DT)(DT)(DT)(DT)(DT)(DT)(DT)(DT)(DT)(DT)(DT)(DT)(DT)(DT)(DT)(DT)(DT)(DT)
(DT)(DT)(DT)(DT)(DT)(DT)(DT)(DT)(DT)(DT)(DT)(DT)(DT)(DT)(DT)(DT)(DT)(DT)(DT)(DT)
(DT)(DT)(DT)(DT)(DT)(DT)(DT)(DT)(DT)
;
B,D
#
loop_
_chem_comp.id
_chem_comp.type
_chem_comp.name
_chem_comp.formula
BMA D-saccharide, beta linking beta-D-mannopyranose 'C6 H12 O6'
DT DNA linking THYMIDINE-5'-MONOPHOSPHATE 'C10 H15 N2 O8 P'
MAN D-saccharide, alpha linking alpha-D-mannopyranose 'C6 H12 O6'
NAG D-saccharide, beta linking 2-acetamido-2-deoxy-beta-D-glucopyranose 'C8 H15 N O6'
#
# COMPACT_ATOMS: atom_id res chain seq x y z
N PRO A 14 24.75 -16.74 -21.35
CA PRO A 14 24.95 -17.50 -22.58
C PRO A 14 26.13 -17.00 -23.39
N ALA A 15 25.92 -16.74 -24.69
CA ALA A 15 26.99 -16.24 -25.57
C ALA A 15 26.66 -14.80 -25.98
N PRO A 16 27.62 -13.85 -25.97
CA PRO A 16 27.30 -12.46 -26.26
C PRO A 16 26.87 -12.24 -27.72
N CYS A 17 25.94 -11.29 -27.95
CA CYS A 17 25.53 -10.95 -29.33
C CYS A 17 26.52 -9.93 -29.90
N TYR A 18 27.41 -10.35 -30.80
CA TYR A 18 28.43 -9.44 -31.38
C TYR A 18 27.83 -8.77 -32.60
N ASP A 19 26.65 -8.19 -32.44
CA ASP A 19 25.96 -7.50 -33.57
C ASP A 19 26.07 -5.99 -33.38
N PRO A 20 26.26 -5.21 -34.46
CA PRO A 20 26.36 -3.78 -34.35
C PRO A 20 25.03 -3.23 -33.89
N CYS A 21 24.56 -3.67 -32.73
CA CYS A 21 23.25 -3.27 -32.26
C CYS A 21 23.17 -1.76 -32.08
N GLU A 22 22.12 -1.15 -32.63
CA GLU A 22 21.91 0.28 -32.49
C GLU A 22 20.46 0.52 -32.10
N ALA A 23 20.22 1.61 -31.38
CA ALA A 23 18.88 1.90 -30.88
C ALA A 23 18.50 3.34 -31.21
N VAL A 24 17.26 3.54 -31.64
CA VAL A 24 16.72 4.86 -31.94
C VAL A 24 15.42 5.02 -31.20
N LEU A 25 15.23 6.16 -30.54
CA LEU A 25 13.98 6.50 -29.90
C LEU A 25 13.11 7.25 -30.88
N VAL A 26 12.02 6.62 -31.32
CA VAL A 26 11.10 7.22 -32.27
C VAL A 26 9.83 7.59 -31.53
N GLU A 27 9.37 8.82 -31.73
CA GLU A 27 8.13 9.28 -31.12
C GLU A 27 7.34 10.09 -32.13
N SER A 28 6.03 9.93 -32.11
CA SER A 28 5.14 10.67 -32.99
C SER A 28 4.57 11.85 -32.21
N ILE A 29 4.79 13.05 -32.72
CA ILE A 29 4.31 14.27 -32.07
C ILE A 29 3.04 14.71 -32.78
N PRO A 30 1.90 14.79 -32.11
CA PRO A 30 0.66 15.18 -32.77
C PRO A 30 0.69 16.62 -33.22
N GLU A 31 -0.08 16.91 -34.26
CA GLU A 31 -0.22 18.27 -34.76
C GLU A 31 -0.77 19.18 -33.67
N GLY A 32 -0.20 20.38 -33.59
CA GLY A 32 -0.55 21.32 -32.54
C GLY A 32 0.31 21.19 -31.29
N LEU A 33 1.14 20.16 -31.19
CA LEU A 33 2.05 19.98 -30.08
C LEU A 33 3.45 20.38 -30.55
N ASP A 34 3.93 21.52 -30.05
CA ASP A 34 5.27 22.02 -30.48
C ASP A 34 6.12 22.30 -29.24
N PHE A 35 7.06 21.42 -28.91
CA PHE A 35 7.97 21.66 -27.77
C PHE A 35 8.97 22.71 -28.21
N PRO A 36 8.98 23.92 -27.60
CA PRO A 36 9.86 24.99 -28.05
C PRO A 36 11.31 24.52 -27.98
N ASN A 37 11.68 23.86 -26.89
CA ASN A 37 13.05 23.31 -26.76
C ASN A 37 13.33 22.39 -27.96
N ALA A 38 14.42 22.63 -28.68
CA ALA A 38 14.73 21.83 -29.88
C ALA A 38 15.67 20.67 -29.52
N SER A 39 16.43 20.16 -30.49
CA SER A 39 17.39 19.06 -30.25
C SER A 39 16.65 17.73 -30.02
N THR A 40 15.32 17.72 -30.11
CA THR A 40 14.56 16.47 -30.00
C THR A 40 15.19 15.47 -30.94
N GLY A 41 15.38 15.86 -32.21
CA GLY A 41 16.05 15.00 -33.16
C GLY A 41 15.64 13.55 -33.16
N ASN A 42 14.35 13.28 -33.01
CA ASN A 42 13.86 11.90 -33.00
C ASN A 42 13.03 11.64 -34.24
N PRO A 43 13.34 10.60 -35.01
CA PRO A 43 12.50 10.26 -36.17
C PRO A 43 11.09 9.88 -35.72
N SER A 44 10.11 10.27 -36.53
CA SER A 44 8.73 9.93 -36.21
C SER A 44 8.50 8.43 -36.39
N THR A 45 7.45 7.92 -35.75
CA THR A 45 7.12 6.51 -35.88
C THR A 45 6.80 6.16 -37.32
N SER A 46 6.14 7.07 -38.05
CA SER A 46 5.84 6.82 -39.45
C SER A 46 7.10 6.69 -40.28
N GLN A 47 8.08 7.56 -40.07
CA GLN A 47 9.32 7.49 -40.82
C GLN A 47 10.07 6.19 -40.53
N ALA A 48 10.15 5.81 -39.25
CA ALA A 48 10.82 4.57 -38.90
C ALA A 48 10.11 3.36 -39.50
N TRP A 49 8.77 3.36 -39.46
CA TRP A 49 8.03 2.25 -40.03
C TRP A 49 8.23 2.16 -41.54
N LEU A 50 8.21 3.31 -42.22
CA LEU A 50 8.44 3.30 -43.66
C LEU A 50 9.84 2.81 -43.98
N GLY A 51 10.84 3.22 -43.19
CA GLY A 51 12.18 2.73 -43.40
C GLY A 51 12.30 1.23 -43.18
N LEU A 52 11.61 0.71 -42.16
CA LEU A 52 11.61 -0.72 -41.90
C LEU A 52 10.96 -1.50 -43.04
N LEU A 53 9.81 -1.01 -43.52
CA LEU A 53 9.10 -1.70 -44.59
C LEU A 53 9.89 -1.65 -45.90
N ALA A 54 10.53 -0.51 -46.18
CA ALA A 54 11.29 -0.39 -47.42
C ALA A 54 12.46 -1.38 -47.43
N GLY A 55 13.11 -1.56 -46.29
CA GLY A 55 14.22 -2.49 -46.19
C GLY A 55 13.83 -3.91 -45.89
N ALA A 56 12.54 -4.22 -45.83
CA ALA A 56 12.09 -5.58 -45.54
C ALA A 56 12.12 -6.42 -46.81
N HIS A 57 12.84 -7.55 -46.75
CA HIS A 57 12.92 -8.43 -47.92
C HIS A 57 12.76 -9.91 -47.59
N SER A 58 12.77 -10.32 -46.33
CA SER A 58 12.67 -11.73 -45.99
C SER A 58 11.44 -12.06 -45.15
N SER A 59 11.19 -11.31 -44.07
CA SER A 59 10.09 -11.63 -43.17
C SER A 59 9.63 -10.37 -42.47
N LEU A 60 8.43 -10.44 -41.90
CA LEU A 60 7.88 -9.32 -41.13
C LEU A 60 6.78 -9.86 -40.23
N ASP A 61 6.94 -9.71 -38.90
CA ASP A 61 5.99 -10.20 -37.88
C ASP A 61 5.45 -9.03 -37.07
N ILE A 62 4.13 -8.82 -37.08
CA ILE A 62 3.49 -7.68 -36.42
C ILE A 62 2.53 -8.21 -35.37
N ALA A 63 2.62 -7.66 -34.15
CA ALA A 63 1.66 -7.91 -33.10
C ALA A 63 0.96 -6.61 -32.76
N SER A 64 -0.35 -6.57 -32.98
CA SER A 64 -1.12 -5.33 -32.89
C SER A 64 -2.41 -5.56 -32.11
N PHE A 65 -2.84 -4.51 -31.41
CA PHE A 65 -4.12 -4.55 -30.72
C PHE A 65 -5.27 -4.51 -31.73
N TYR A 66 -5.21 -3.59 -32.69
CA TYR A 66 -6.25 -3.43 -33.69
C TYR A 66 -5.64 -2.75 -34.90
N TRP A 67 -6.39 -2.74 -36.00
CA TRP A 67 -5.93 -2.12 -37.23
C TRP A 67 -6.97 -1.12 -37.71
N THR A 68 -6.59 0.15 -37.79
CA THR A 68 -7.49 1.20 -38.26
C THR A 68 -6.63 2.26 -38.94
N LEU A 69 -6.45 2.14 -40.25
CA LEU A 69 -5.51 2.98 -40.97
C LEU A 69 -6.17 3.99 -41.90
N THR A 70 -7.08 3.54 -42.76
CA THR A 70 -7.69 4.47 -43.70
C THR A 70 -8.76 5.32 -43.00
N ASN A 71 -9.28 6.30 -43.75
CA ASN A 71 -10.39 7.10 -43.26
C ASN A 71 -11.67 6.29 -43.17
N ASN A 72 -11.82 5.25 -44.00
CA ASN A 72 -13.04 4.45 -44.01
C ASN A 72 -13.23 3.69 -42.70
N ASP A 73 -12.14 3.21 -42.10
CA ASP A 73 -12.26 2.45 -40.86
C ASP A 73 -12.77 3.30 -39.70
N THR A 74 -12.66 4.62 -39.79
CA THR A 74 -13.22 5.51 -38.77
C THR A 74 -14.40 6.33 -39.30
N HIS A 75 -14.71 6.24 -40.58
CA HIS A 75 -15.79 7.02 -41.19
C HIS A 75 -15.59 8.52 -40.96
N THR A 76 -14.35 8.97 -41.08
CA THR A 76 -14.00 10.38 -40.97
C THR A 76 -13.41 10.85 -42.30
N GLN A 77 -13.07 12.13 -42.37
CA GLN A 77 -12.51 12.73 -43.57
C GLN A 77 -11.33 13.62 -43.23
N GLU A 78 -10.46 13.14 -42.35
CA GLU A 78 -9.27 13.90 -41.98
C GLU A 78 -8.16 13.65 -42.98
N PRO A 79 -7.58 14.69 -43.59
CA PRO A 79 -6.37 14.49 -44.40
C PRO A 79 -5.21 13.96 -43.59
N SER A 80 -5.20 14.22 -42.28
CA SER A 80 -4.18 13.73 -41.37
C SER A 80 -3.97 12.22 -41.43
N ALA A 81 -4.92 11.47 -41.98
CA ALA A 81 -4.80 10.03 -42.09
C ALA A 81 -3.87 9.59 -43.20
N GLN A 82 -3.44 10.52 -44.07
CA GLN A 82 -2.67 10.15 -45.25
C GLN A 82 -1.48 9.28 -44.90
N GLN A 83 -0.68 9.70 -43.92
CA GLN A 83 0.49 8.92 -43.52
C GLN A 83 0.11 7.49 -43.22
N GLY A 84 -0.92 7.29 -42.39
CA GLY A 84 -1.35 5.93 -42.09
C GLY A 84 -1.72 5.18 -43.35
N GLU A 85 -2.50 5.80 -44.23
CA GLU A 85 -2.85 5.15 -45.48
C GLU A 85 -1.60 4.77 -46.25
N GLU A 86 -0.60 5.66 -46.28
CA GLU A 86 0.64 5.35 -46.96
C GLU A 86 1.24 4.06 -46.42
N VAL A 87 1.28 3.92 -45.08
CA VAL A 87 1.82 2.70 -44.49
C VAL A 87 1.06 1.50 -45.03
N LEU A 88 -0.27 1.59 -45.05
CA LEU A 88 -1.07 0.49 -45.58
C LEU A 88 -0.63 0.12 -46.98
N ARG A 89 -0.45 1.14 -47.84
CA ARG A 89 -0.01 0.87 -49.21
C ARG A 89 1.29 0.07 -49.20
N GLN A 90 2.26 0.50 -48.41
CA GLN A 90 3.52 -0.22 -48.37
C GLN A 90 3.30 -1.66 -47.89
N LEU A 91 2.44 -1.83 -46.88
CA LEU A 91 2.19 -3.17 -46.37
C LEU A 91 1.58 -4.05 -47.45
N GLN A 92 0.81 -3.46 -48.37
CA GLN A 92 0.24 -4.26 -49.45
C GLN A 92 1.29 -4.58 -50.51
N THR A 93 2.29 -3.71 -50.67
CA THR A 93 3.26 -3.90 -51.75
C THR A 93 4.27 -4.99 -51.42
N LEU A 94 4.61 -5.16 -50.14
CA LEU A 94 5.70 -6.04 -49.78
C LEU A 94 5.28 -7.50 -49.65
N ALA A 95 3.99 -7.79 -49.59
CA ALA A 95 3.56 -9.19 -49.58
C ALA A 95 3.86 -9.90 -50.89
N PRO A 96 3.52 -9.36 -52.07
CA PRO A 96 3.83 -10.09 -53.31
C PRO A 96 5.32 -10.26 -53.58
N LYS A 97 6.17 -9.40 -53.00
CA LYS A 97 7.60 -9.47 -53.28
C LYS A 97 8.26 -10.72 -52.72
N GLY A 98 7.57 -11.47 -51.86
CA GLY A 98 8.12 -12.67 -51.27
C GLY A 98 8.37 -12.60 -49.79
N VAL A 99 7.88 -11.58 -49.11
CA VAL A 99 8.09 -11.41 -47.68
C VAL A 99 6.95 -12.11 -46.93
N ASN A 100 7.31 -12.94 -45.96
CA ASN A 100 6.34 -13.70 -45.18
C ASN A 100 5.73 -12.79 -44.12
N VAL A 101 4.67 -12.07 -44.51
CA VAL A 101 3.97 -11.21 -43.57
C VAL A 101 3.11 -12.07 -42.67
N ARG A 102 3.25 -11.87 -41.35
CA ARG A 102 2.44 -12.58 -40.36
C ARG A 102 1.95 -11.57 -39.34
N ILE A 103 0.64 -11.51 -39.15
CA ILE A 103 0.01 -10.49 -38.32
C ILE A 103 -0.86 -11.18 -37.28
N ALA A 104 -0.69 -10.82 -36.01
CA ALA A 104 -1.55 -11.27 -34.94
C ALA A 104 -2.34 -10.08 -34.43
N VAL A 105 -3.67 -10.21 -34.43
CA VAL A 105 -4.56 -9.14 -34.01
C VAL A 105 -5.60 -9.72 -33.06
N SER A 106 -5.86 -9.02 -31.96
CA SER A 106 -6.84 -9.48 -30.99
C SER A 106 -8.23 -9.51 -31.61
N LYS A 107 -9.00 -10.55 -31.28
CA LYS A 107 -10.35 -10.71 -31.88
C LYS A 107 -11.28 -9.62 -31.31
N PRO A 108 -11.90 -8.79 -32.17
CA PRO A 108 -12.85 -7.79 -31.69
C PRO A 108 -14.03 -8.51 -31.05
N SER A 109 -14.48 -8.02 -29.89
CA SER A 109 -15.65 -8.62 -29.20
C SER A 109 -16.83 -8.70 -30.18
N GLY A 110 -17.17 -7.59 -30.82
CA GLY A 110 -18.29 -7.56 -31.78
C GLY A 110 -17.84 -7.94 -33.18
N PRO A 111 -18.74 -7.96 -34.18
CA PRO A 111 -18.34 -8.26 -35.56
C PRO A 111 -17.81 -7.02 -36.26
N GLN A 112 -16.78 -6.40 -35.70
CA GLN A 112 -16.19 -5.17 -36.31
C GLN A 112 -15.57 -5.54 -37.67
N PRO A 113 -15.91 -4.82 -38.76
CA PRO A 113 -15.32 -5.09 -40.07
C PRO A 113 -13.82 -4.84 -40.03
N GLN A 114 -13.04 -5.77 -40.59
CA GLN A 114 -11.56 -5.61 -40.63
C GLN A 114 -11.14 -5.28 -42.07
N ALA A 115 -11.44 -4.07 -42.54
CA ALA A 115 -11.15 -3.71 -43.92
C ALA A 115 -9.66 -3.85 -44.24
N ASP A 116 -8.80 -3.33 -43.35
CA ASP A 116 -7.37 -3.43 -43.58
C ASP A 116 -6.90 -4.87 -43.56
N LEU A 117 -7.42 -5.68 -42.64
CA LEU A 117 -7.05 -7.09 -42.61
C LEU A 117 -7.51 -7.80 -43.87
N GLN A 118 -8.70 -7.46 -44.37
CA GLN A 118 -9.17 -8.04 -45.62
C GLN A 118 -8.23 -7.68 -46.77
N ALA A 119 -7.83 -6.41 -46.85
CA ALA A 119 -6.93 -5.99 -47.91
C ALA A 119 -5.59 -6.72 -47.83
N LEU A 120 -5.05 -6.85 -46.62
CA LEU A 120 -3.79 -7.57 -46.45
C LEU A 120 -3.94 -9.03 -46.83
N LEU A 121 -5.08 -9.65 -46.50
CA LEU A 121 -5.32 -11.03 -46.88
C LEU A 121 -5.36 -11.19 -48.40
N GLN A 122 -6.00 -10.24 -49.08
CA GLN A 122 -5.96 -10.25 -50.55
C GLN A 122 -4.54 -10.09 -51.05
N SER A 123 -3.74 -9.26 -50.38
CA SER A 123 -2.36 -9.06 -50.80
C SER A 123 -1.55 -10.35 -50.72
N GLY A 124 -1.75 -11.14 -49.67
CA GLY A 124 -1.02 -12.39 -49.53
C GLY A 124 -0.51 -12.61 -48.13
N ALA A 125 -0.84 -11.69 -47.22
CA ALA A 125 -0.41 -11.82 -45.84
C ALA A 125 -1.19 -12.92 -45.14
N GLN A 126 -0.70 -13.31 -43.96
CA GLN A 126 -1.36 -14.29 -43.10
C GLN A 126 -1.81 -13.58 -41.83
N VAL A 127 -3.11 -13.65 -41.55
CA VAL A 127 -3.69 -13.03 -40.37
C VAL A 127 -4.28 -14.13 -39.50
N ARG A 128 -3.79 -14.24 -38.27
CA ARG A 128 -4.32 -15.17 -37.29
C ARG A 128 -4.86 -14.37 -36.12
N MET A 129 -6.17 -14.34 -35.99
CA MET A 129 -6.84 -13.52 -34.98
C MET A 129 -6.87 -14.28 -33.67
N VAL A 130 -6.34 -13.66 -32.62
CA VAL A 130 -6.18 -14.32 -31.32
C VAL A 130 -7.33 -13.91 -30.42
N ASP A 131 -8.08 -14.90 -29.94
CA ASP A 131 -9.25 -14.67 -29.08
C ASP A 131 -8.82 -14.79 -27.63
N MET A 132 -8.19 -13.72 -27.13
CA MET A 132 -7.60 -13.75 -25.80
C MET A 132 -8.65 -13.94 -24.71
N GLN A 133 -9.87 -13.44 -24.93
CA GLN A 133 -10.91 -13.51 -23.90
C GLN A 133 -11.21 -14.96 -23.53
N LYS A 134 -11.19 -15.86 -24.52
CA LYS A 134 -11.52 -17.26 -24.25
C LYS A 134 -10.49 -17.91 -23.34
N LEU A 135 -9.20 -17.64 -23.56
CA LEU A 135 -8.15 -18.36 -22.85
C LEU A 135 -7.81 -17.70 -21.51
N THR A 136 -7.45 -16.43 -21.54
CA THR A 136 -6.93 -15.74 -20.37
C THR A 136 -7.87 -14.65 -19.84
N HIS A 137 -8.95 -14.35 -20.58
CA HIS A 137 -9.96 -13.35 -20.18
C HIS A 137 -9.41 -11.93 -20.28
N GLY A 138 -8.60 -11.69 -21.31
CA GLY A 138 -8.10 -10.35 -21.58
C GLY A 138 -8.06 -10.04 -23.06
N VAL A 139 -7.13 -9.18 -23.47
CA VAL A 139 -6.96 -8.83 -24.88
C VAL A 139 -5.48 -8.91 -25.22
N LEU A 140 -5.20 -8.89 -26.53
CA LEU A 140 -3.82 -8.90 -27.02
C LEU A 140 -3.38 -7.46 -27.28
N ALA A 141 -3.13 -6.70 -26.23
CA ALA A 141 -2.81 -5.26 -26.39
C ALA A 141 -1.31 -5.00 -26.56
N THR A 142 -0.57 -5.94 -27.14
CA THR A 142 0.89 -5.76 -27.34
C THR A 142 1.13 -5.11 -28.69
N LYS A 143 2.16 -4.27 -28.79
CA LYS A 143 2.50 -3.60 -30.06
C LYS A 143 4.00 -3.75 -30.34
N PHE A 144 4.38 -4.65 -31.25
CA PHE A 144 5.82 -4.81 -31.61
C PHE A 144 5.96 -5.29 -33.06
N TRP A 145 7.10 -5.00 -33.68
CA TRP A 145 7.37 -5.45 -35.06
C TRP A 145 8.65 -6.27 -35.08
N VAL A 146 8.82 -7.17 -36.05
CA VAL A 146 10.08 -7.95 -36.19
C VAL A 146 10.40 -8.00 -37.70
N VAL A 147 11.43 -7.27 -38.14
CA VAL A 147 11.72 -7.18 -39.56
C VAL A 147 13.01 -7.93 -39.85
N ASP A 148 12.93 -8.88 -40.78
CA ASP A 148 14.08 -9.69 -41.24
C ASP A 148 14.77 -10.42 -40.11
N GLN A 149 14.12 -10.52 -38.96
CA GLN A 149 14.71 -11.08 -37.74
C GLN A 149 16.01 -10.39 -37.37
N THR A 150 16.21 -9.17 -37.86
CA THR A 150 17.33 -8.32 -37.47
C THR A 150 16.88 -7.05 -36.78
N HIS A 151 15.97 -6.30 -37.40
CA HIS A 151 15.47 -5.08 -36.78
C HIS A 151 14.17 -5.37 -36.05
N PHE A 152 13.84 -4.52 -35.08
CA PHE A 152 12.52 -4.62 -34.48
C PHE A 152 12.08 -3.27 -33.95
N TYR A 153 10.76 -3.13 -33.78
CA TYR A 153 10.13 -1.92 -33.21
C TYR A 153 9.29 -2.38 -32.03
N LEU A 154 9.31 -1.65 -30.91
CA LEU A 154 8.50 -1.96 -29.72
C LEU A 154 8.10 -0.60 -29.18
N GLY A 155 6.84 -0.43 -28.80
CA GLY A 155 6.38 0.90 -28.37
C GLY A 155 4.92 0.95 -28.06
N SER A 156 4.32 2.13 -28.14
CA SER A 156 2.91 2.34 -27.76
C SER A 156 2.04 2.57 -29.00
N ALA A 157 2.52 2.22 -30.19
CA ALA A 157 1.79 2.55 -31.42
C ALA A 157 0.93 1.39 -31.89
N ASN A 158 -0.36 1.66 -32.03
CA ASN A 158 -1.27 0.63 -32.57
C ASN A 158 -1.29 0.87 -34.07
N MET A 159 -1.73 -0.12 -34.85
CA MET A 159 -1.80 0.04 -36.32
C MET A 159 -2.98 0.98 -36.62
N ASP A 160 -2.88 2.22 -36.15
CA ASP A 160 -3.95 3.23 -36.31
C ASP A 160 -3.27 4.45 -36.94
N TRP A 161 -4.04 5.30 -37.59
CA TRP A 161 -3.47 6.50 -38.26
C TRP A 161 -3.45 7.65 -37.28
N ARG A 162 -4.16 7.49 -36.16
CA ARG A 162 -4.22 8.55 -35.13
C ARG A 162 -3.00 8.34 -34.24
N SER A 163 -2.49 7.13 -34.16
CA SER A 163 -1.28 6.82 -33.39
C SER A 163 -0.05 7.33 -34.14
N LEU A 164 -0.24 7.92 -35.31
CA LEU A 164 0.88 8.43 -36.14
C LEU A 164 0.79 9.96 -36.26
N THR A 165 -0.37 10.55 -35.98
CA THR A 165 -0.56 12.00 -36.16
C THR A 165 -1.37 12.64 -35.05
N GLN A 166 -2.20 11.90 -34.32
CA GLN A 166 -3.09 12.57 -33.32
C GLN A 166 -2.79 12.08 -31.89
N VAL A 167 -2.16 10.93 -31.73
CA VAL A 167 -1.77 10.41 -30.39
C VAL A 167 -0.25 10.61 -30.22
N LYS A 168 0.18 11.02 -29.02
CA LYS A 168 1.64 11.21 -28.73
C LYS A 168 2.16 9.84 -28.39
N GLU A 169 3.43 9.59 -28.63
CA GLU A 169 3.87 8.21 -28.53
C GLU A 169 5.33 8.17 -28.10
N LEU A 170 5.80 6.94 -27.85
CA LEU A 170 7.20 6.70 -27.51
C LEU A 170 7.50 5.24 -27.79
N GLY A 171 8.46 4.98 -28.66
CA GLY A 171 8.88 3.63 -28.95
C GLY A 171 10.34 3.60 -29.31
N VAL A 172 10.88 2.39 -29.39
CA VAL A 172 12.28 2.17 -29.72
C VAL A 172 12.36 1.27 -30.94
N VAL A 173 13.19 1.67 -31.90
CA VAL A 173 13.53 0.85 -33.06
C VAL A 173 14.96 0.41 -32.88
N MET A 174 15.15 -0.89 -32.74
CA MET A 174 16.51 -1.45 -32.59
C MET A 174 16.94 -2.04 -33.94
N TYR A 175 18.08 -1.61 -34.45
CA TYR A 175 18.62 -2.01 -35.74
C TYR A 175 19.82 -2.93 -35.54
N ASN A 176 19.97 -3.87 -36.48
CA ASN A 176 21.14 -4.78 -36.46
C ASN A 176 21.26 -5.50 -35.11
N CYS A 177 20.18 -6.12 -34.64
CA CYS A 177 20.25 -6.92 -33.39
C CYS A 177 19.46 -8.22 -33.60
N SER A 178 20.02 -9.14 -34.40
CA SER A 178 19.29 -10.40 -34.72
C SER A 178 18.91 -11.14 -33.43
N CYS A 179 19.84 -11.24 -32.48
CA CYS A 179 19.58 -12.03 -31.25
C CYS A 179 18.34 -11.49 -30.52
N LEU A 180 18.28 -10.17 -30.30
CA LEU A 180 17.14 -9.60 -29.53
C LEU A 180 15.87 -9.72 -30.38
N ALA A 181 15.97 -9.44 -31.69
CA ALA A 181 14.80 -9.57 -32.59
C ALA A 181 14.28 -11.00 -32.56
N ARG A 182 15.17 -11.98 -32.60
CA ARG A 182 14.77 -13.40 -32.57
C ARG A 182 14.11 -13.72 -31.22
N ASP A 183 14.60 -13.11 -30.14
CA ASP A 183 13.97 -13.32 -28.80
C ASP A 183 12.56 -12.74 -28.82
N LEU A 184 12.36 -11.59 -29.47
CA LEU A 184 11.01 -10.99 -29.58
C LEU A 184 10.12 -11.89 -30.45
N THR A 185 10.71 -12.53 -31.47
CA THR A 185 9.95 -13.44 -32.35
C THR A 185 9.44 -14.60 -31.53
N LYS A 186 10.27 -15.16 -30.65
CA LYS A 186 9.83 -16.27 -29.77
C LYS A 186 8.46 -15.92 -29.19
N ILE A 187 8.28 -14.67 -28.76
CA ILE A 187 6.99 -14.25 -28.21
C ILE A 187 5.94 -14.18 -29.30
N PHE A 188 6.32 -13.63 -30.46
CA PHE A 188 5.35 -13.56 -31.55
C PHE A 188 4.91 -14.94 -31.99
N GLU A 189 5.84 -15.90 -32.01
CA GLU A 189 5.48 -17.27 -32.38
C GLU A 189 4.57 -17.91 -31.33
N ALA A 190 4.77 -17.58 -30.05
CA ALA A 190 3.84 -18.04 -29.03
C ALA A 190 2.44 -17.52 -29.32
N TYR A 191 2.33 -16.23 -29.64
CA TYR A 191 1.02 -15.67 -30.00
C TYR A 191 0.46 -16.34 -31.25
N TRP A 192 1.32 -16.60 -32.24
CA TRP A 192 0.90 -17.21 -33.49
C TRP A 192 0.32 -18.60 -33.26
N PHE A 193 1.01 -19.41 -32.46
CA PHE A 193 0.55 -20.78 -32.22
C PHE A 193 -0.70 -20.78 -31.35
N LEU A 194 -0.76 -19.92 -30.33
CA LEU A 194 -1.86 -19.99 -29.38
C LEU A 194 -3.18 -19.49 -29.98
N GLY A 195 -3.14 -18.77 -31.10
CA GLY A 195 -4.36 -18.19 -31.62
C GLY A 195 -4.75 -18.61 -33.03
N GLN A 196 -4.48 -19.86 -33.40
CA GLN A 196 -4.87 -20.32 -34.74
C GLN A 196 -6.34 -20.73 -34.78
N ALA A 197 -6.68 -21.81 -34.06
CA ALA A 197 -8.06 -22.26 -33.93
C ALA A 197 -8.18 -23.32 -32.85
N GLY A 198 -9.04 -23.09 -31.86
CA GLY A 198 -9.32 -24.09 -30.85
C GLY A 198 -8.10 -24.58 -30.09
N SER A 199 -7.21 -23.67 -29.71
CA SER A 199 -6.00 -24.02 -28.97
C SER A 199 -6.09 -23.49 -27.55
N SER A 200 -5.21 -24.01 -26.69
CA SER A 200 -5.18 -23.65 -25.29
C SER A 200 -3.74 -23.65 -24.81
N ILE A 201 -3.52 -23.01 -23.66
CA ILE A 201 -2.18 -22.88 -23.08
C ILE A 201 -1.66 -24.27 -22.71
N PRO A 202 -0.52 -24.69 -23.23
CA PRO A 202 0.07 -25.96 -22.80
C PRO A 202 0.53 -25.87 -21.35
N SER A 203 0.51 -27.02 -20.67
CA SER A 203 1.01 -27.07 -19.30
C SER A 203 2.47 -26.68 -19.23
N THR A 204 3.28 -27.16 -20.17
CA THR A 204 4.67 -26.76 -20.31
C THR A 204 4.91 -26.40 -21.77
N TRP A 205 5.39 -25.19 -22.00
CA TRP A 205 5.67 -24.76 -23.36
C TRP A 205 6.85 -25.56 -23.90
N PRO A 206 6.85 -25.85 -25.21
CA PRO A 206 7.96 -26.61 -25.79
C PRO A 206 9.26 -25.82 -25.71
N ARG A 207 10.37 -26.54 -25.91
CA ARG A 207 11.69 -25.89 -25.86
C ARG A 207 11.84 -24.81 -26.92
N PHE A 208 10.99 -24.80 -27.95
CA PHE A 208 11.08 -23.76 -28.97
C PHE A 208 10.82 -22.38 -28.37
N TYR A 209 9.85 -22.27 -27.47
CA TYR A 209 9.46 -20.98 -26.93
C TYR A 209 10.26 -20.58 -25.69
N ASP A 210 11.14 -21.43 -25.20
CA ASP A 210 11.92 -21.10 -24.02
C ASP A 210 13.05 -20.14 -24.37
N THR A 211 13.42 -19.31 -23.39
CA THR A 211 14.45 -18.30 -23.60
C THR A 211 15.46 -18.38 -22.45
N ARG A 212 16.68 -17.93 -22.74
CA ARG A 212 17.76 -17.95 -21.76
C ARG A 212 18.20 -16.55 -21.35
N TYR A 213 17.46 -15.52 -21.73
CA TYR A 213 17.83 -14.13 -21.45
C TYR A 213 16.72 -13.51 -20.61
N ASN A 214 16.81 -13.71 -19.29
CA ASN A 214 15.85 -13.18 -18.33
C ASN A 214 16.54 -12.17 -17.43
N GLN A 215 15.84 -11.71 -16.40
CA GLN A 215 16.37 -10.68 -15.51
C GLN A 215 17.62 -11.18 -14.78
N GLU A 216 17.64 -12.45 -14.39
CA GLU A 216 18.82 -12.98 -13.70
C GLU A 216 20.03 -13.01 -14.61
N THR A 217 19.84 -13.37 -15.88
CA THR A 217 20.94 -13.45 -16.85
C THR A 217 20.54 -12.68 -18.11
N PRO A 218 20.60 -11.35 -18.09
CA PRO A 218 20.26 -10.58 -19.28
C PRO A 218 21.31 -10.76 -20.36
N MET A 219 20.92 -10.42 -21.58
CA MET A 219 21.79 -10.63 -22.73
C MET A 219 22.76 -9.47 -22.89
N GLU A 220 24.01 -9.81 -23.20
CA GLU A 220 25.07 -8.82 -23.37
C GLU A 220 25.12 -8.39 -24.82
N ILE A 221 24.58 -7.20 -25.11
CA ILE A 221 24.64 -6.64 -26.46
C ILE A 221 25.70 -5.55 -26.50
N CYS A 222 26.05 -5.14 -27.72
CA CYS A 222 26.97 -4.02 -27.94
C CYS A 222 26.13 -2.89 -28.55
N LEU A 223 25.53 -2.08 -27.68
CA LEU A 223 24.62 -1.02 -28.11
C LEU A 223 25.44 0.23 -28.42
N ASN A 224 25.36 0.69 -29.66
CA ASN A 224 26.05 1.91 -30.11
C ASN A 224 27.52 1.88 -29.72
N GLY A 225 28.13 0.71 -29.83
CA GLY A 225 29.53 0.55 -29.45
C GLY A 225 29.77 0.12 -28.01
N THR A 226 29.04 0.71 -27.07
CA THR A 226 29.28 0.41 -25.67
C THR A 226 28.53 -0.85 -25.25
N PRO A 227 29.09 -1.67 -24.38
CA PRO A 227 28.37 -2.86 -23.92
C PRO A 227 27.15 -2.48 -23.09
N ALA A 228 26.14 -3.34 -23.14
CA ALA A 228 24.91 -3.12 -22.40
C ALA A 228 24.24 -4.46 -22.13
N LEU A 229 23.35 -4.47 -21.14
CA LEU A 229 22.59 -5.64 -20.77
C LEU A 229 21.12 -5.40 -21.06
N ALA A 230 20.53 -6.24 -21.91
CA ALA A 230 19.15 -6.05 -22.34
C ALA A 230 18.38 -7.35 -22.24
N TYR A 231 17.09 -7.23 -21.96
CA TYR A 231 16.22 -8.40 -21.99
C TYR A 231 14.77 -7.95 -22.11
N LEU A 232 13.93 -8.87 -22.57
CA LEU A 232 12.52 -8.62 -22.82
C LEU A 232 11.66 -9.39 -21.82
N ALA A 233 10.60 -8.74 -21.34
CA ALA A 233 9.71 -9.33 -20.32
C ALA A 233 8.31 -9.38 -20.90
N SER A 234 7.52 -10.41 -20.57
CA SER A 234 6.21 -10.50 -21.23
C SER A 234 5.07 -10.84 -20.26
N ALA A 235 3.85 -10.35 -20.53
CA ALA A 235 2.63 -10.70 -19.77
C ALA A 235 1.70 -11.46 -20.71
N PRO A 236 0.64 -12.19 -20.30
CA PRO A 236 0.36 -12.52 -18.91
C PRO A 236 1.07 -13.78 -18.45
N PRO A 237 1.14 -14.04 -17.13
CA PRO A 237 1.84 -15.22 -16.62
C PRO A 237 1.49 -16.56 -17.28
N PRO A 238 0.22 -16.85 -17.66
CA PRO A 238 -0.11 -18.08 -18.39
C PRO A 238 0.71 -18.33 -19.66
N LEU A 239 1.00 -17.30 -20.44
CA LEU A 239 1.70 -17.45 -21.74
C LEU A 239 3.23 -17.42 -21.59
N CYS A 240 3.75 -17.19 -20.38
CA CYS A 240 5.22 -17.01 -20.22
C CYS A 240 5.91 -18.35 -20.00
N PRO A 241 6.92 -18.71 -20.82
CA PRO A 241 7.69 -19.95 -20.63
C PRO A 241 8.54 -19.88 -19.38
N SER A 242 9.31 -20.93 -19.11
CA SER A 242 10.11 -20.97 -17.90
C SER A 242 11.14 -19.84 -17.88
N GLY A 243 11.83 -19.63 -19.00
CA GLY A 243 12.88 -18.62 -19.03
C GLY A 243 12.36 -17.20 -18.95
N ARG A 244 11.24 -16.92 -19.61
CA ARG A 244 10.77 -15.55 -19.73
C ARG A 244 10.44 -14.95 -18.37
N THR A 245 10.89 -13.72 -18.14
CA THR A 245 10.66 -12.98 -16.91
C THR A 245 9.36 -12.19 -17.02
N PRO A 246 8.47 -12.28 -16.03
CA PRO A 246 7.21 -11.54 -16.10
C PRO A 246 7.44 -10.03 -16.15
N ASP A 247 6.54 -9.34 -16.84
CA ASP A 247 6.66 -7.90 -17.00
C ASP A 247 6.58 -7.18 -15.67
N LEU A 248 5.67 -7.62 -14.79
CA LEU A 248 5.56 -6.99 -13.48
C LEU A 248 6.82 -7.19 -12.66
N LYS A 249 7.42 -8.37 -12.73
CA LYS A 249 8.65 -8.62 -11.99
C LYS A 249 9.77 -7.71 -12.46
N ALA A 250 9.91 -7.53 -13.78
CA ALA A 250 10.94 -6.65 -14.30
C ALA A 250 10.68 -5.20 -13.91
N LEU A 251 9.43 -4.75 -14.00
CA LEU A 251 9.08 -3.40 -13.58
C LEU A 251 9.43 -3.17 -12.11
N LEU A 252 9.07 -4.12 -11.26
CA LEU A 252 9.32 -3.97 -9.83
C LEU A 252 10.81 -4.02 -9.53
N ASN A 253 11.57 -4.84 -10.26
CA ASN A 253 13.02 -4.86 -10.06
C ASN A 253 13.65 -3.53 -10.46
N VAL A 254 13.19 -2.94 -11.56
CA VAL A 254 13.70 -1.64 -11.96
C VAL A 254 13.37 -0.60 -10.91
N VAL A 255 12.15 -0.63 -10.37
CA VAL A 255 11.77 0.31 -9.33
C VAL A 255 12.62 0.12 -8.08
N ASP A 256 12.84 -1.14 -7.69
CA ASP A 256 13.57 -1.42 -6.46
C ASP A 256 15.04 -1.03 -6.57
N ASN A 257 15.65 -1.27 -7.73
CA ASN A 257 17.08 -1.04 -7.88
C ASN A 257 17.46 0.43 -7.98
N ALA A 258 16.49 1.32 -8.15
CA ALA A 258 16.80 2.73 -8.29
C ALA A 258 17.32 3.32 -6.98
N ARG A 259 18.24 4.27 -7.09
CA ARG A 259 18.82 4.92 -5.92
C ARG A 259 18.77 6.44 -5.95
N SER A 260 18.61 7.06 -7.13
CA SER A 260 18.61 8.51 -7.23
C SER A 260 17.25 9.06 -7.65
N PHE A 261 16.70 8.60 -8.77
CA PHE A 261 15.42 9.10 -9.23
C PHE A 261 14.68 8.00 -9.98
N ILE A 262 13.36 8.18 -10.10
CA ILE A 262 12.50 7.32 -10.90
C ILE A 262 11.57 8.22 -11.69
N TYR A 263 11.71 8.22 -13.01
CA TYR A 263 10.84 8.98 -13.90
C TYR A 263 9.93 7.98 -14.60
N VAL A 264 8.62 8.18 -14.50
CA VAL A 264 7.67 7.31 -15.16
C VAL A 264 6.69 8.16 -15.97
N ALA A 265 6.50 7.80 -17.23
CA ALA A 265 5.51 8.42 -18.09
C ALA A 265 4.60 7.31 -18.60
N VAL A 266 3.41 7.21 -18.03
CA VAL A 266 2.46 6.17 -18.41
C VAL A 266 1.12 6.82 -18.68
N MET A 267 0.33 6.17 -19.53
CA MET A 267 -0.94 6.76 -19.95
C MET A 267 -2.01 6.61 -18.87
N ASN A 268 -2.06 5.46 -18.21
CA ASN A 268 -3.04 5.17 -17.18
C ASN A 268 -2.37 4.50 -16.00
N TYR A 269 -2.58 5.05 -14.81
CA TYR A 269 -2.05 4.46 -13.58
C TYR A 269 -3.22 4.22 -12.63
N LEU A 270 -3.56 2.96 -12.42
CA LEU A 270 -4.66 2.59 -11.55
C LEU A 270 -4.28 1.35 -10.75
N PRO A 271 -4.07 1.54 -9.41
CA PRO A 271 -3.73 0.46 -8.49
C PRO A 271 -4.83 -0.51 -8.22
N THR A 272 -5.45 -1.04 -9.27
CA THR A 272 -6.62 -1.89 -9.10
C THR A 272 -6.69 -2.87 -10.22
N LEU A 273 -7.28 -4.04 -10.01
CA LEU A 273 -7.58 -4.94 -11.15
C LEU A 273 -8.97 -4.44 -11.57
N GLU A 274 -9.02 -3.40 -12.42
CA GLU A 274 -10.30 -2.72 -12.73
C GLU A 274 -11.14 -3.46 -13.77
N PHE A 275 -12.21 -2.82 -14.23
CA PHE A 275 -13.15 -3.51 -15.16
C PHE A 275 -13.19 -4.97 -14.72
N SER A 276 -13.36 -5.17 -13.41
CA SER A 276 -13.45 -6.54 -12.89
C SER A 276 -14.38 -6.56 -11.67
N HIS A 277 -15.57 -6.00 -11.83
CA HIS A 277 -16.50 -5.83 -10.72
C HIS A 277 -16.71 -7.15 -9.99
N PRO A 278 -16.68 -7.16 -8.65
CA PRO A 278 -16.54 -6.02 -7.74
C PRO A 278 -15.12 -5.44 -7.70
N HIS A 279 -14.95 -4.21 -7.21
CA HIS A 279 -13.64 -3.58 -7.21
C HIS A 279 -12.63 -4.43 -6.45
N ARG A 280 -11.45 -4.56 -7.07
CA ARG A 280 -10.35 -5.36 -6.45
C ARG A 280 -9.12 -4.45 -6.31
N PHE A 281 -8.40 -4.55 -5.19
CA PHE A 281 -7.25 -3.72 -4.93
C PHE A 281 -5.97 -4.42 -5.38
N TRP A 282 -5.11 -3.68 -6.06
CA TRP A 282 -3.86 -4.22 -6.62
C TRP A 282 -2.72 -3.29 -6.25
N PRO A 283 -2.16 -3.31 -5.02
CA PRO A 283 -1.14 -2.35 -4.65
C PRO A 283 0.30 -2.78 -4.95
N ALA A 284 0.51 -3.50 -6.06
CA ALA A 284 1.84 -4.03 -6.37
C ALA A 284 2.82 -2.89 -6.70
N ILE A 285 2.49 -2.10 -7.72
CA ILE A 285 3.41 -1.00 -8.16
C ILE A 285 3.37 0.14 -7.14
N ASP A 286 2.19 0.42 -6.59
CA ASP A 286 2.04 1.55 -5.63
C ASP A 286 3.04 1.38 -4.48
N ASP A 287 3.05 0.20 -3.85
CA ASP A 287 3.95 -0.04 -2.69
C ASP A 287 5.40 0.12 -3.13
N GLY A 288 5.75 -0.37 -4.32
CA GLY A 288 7.13 -0.27 -4.82
C GLY A 288 7.57 1.19 -4.90
N LEU A 289 6.70 2.05 -5.43
CA LEU A 289 7.03 3.50 -5.54
C LEU A 289 7.16 4.09 -4.13
N ARG A 290 6.24 3.74 -3.23
CA ARG A 290 6.28 4.27 -1.84
C ARG A 290 7.57 3.80 -1.15
N ARG A 291 7.86 2.50 -1.23
CA ARG A 291 9.11 2.01 -0.66
C ARG A 291 10.31 2.75 -1.23
N ALA A 292 10.32 2.95 -2.55
CA ALA A 292 11.46 3.64 -3.17
C ALA A 292 11.57 5.08 -2.67
N THR A 293 10.45 5.77 -2.53
CA THR A 293 10.51 7.17 -2.12
C THR A 293 10.65 7.36 -0.62
N TYR A 294 10.39 6.33 0.19
CA TYR A 294 10.50 6.48 1.64
C TYR A 294 11.74 5.82 2.21
N GLU A 295 11.96 4.54 1.93
CA GLU A 295 13.14 3.86 2.45
C GLU A 295 14.42 4.48 1.92
N ARG A 296 14.42 4.87 0.65
CA ARG A 296 15.55 5.49 0.00
C ARG A 296 15.17 6.89 -0.47
N GLY A 297 16.18 7.72 -0.66
CA GLY A 297 15.93 9.10 -1.04
C GLY A 297 15.66 9.26 -2.52
N VAL A 298 14.87 8.37 -3.08
CA VAL A 298 14.57 8.39 -4.51
C VAL A 298 13.57 9.48 -4.80
N LYS A 299 13.88 10.33 -5.78
CA LYS A 299 12.94 11.34 -6.27
C LYS A 299 12.10 10.71 -7.36
N VAL A 300 10.81 10.53 -7.09
CA VAL A 300 9.90 9.85 -8.01
C VAL A 300 9.04 10.90 -8.68
N ARG A 301 9.00 10.87 -10.02
CA ARG A 301 8.19 11.79 -10.80
C ARG A 301 7.17 10.97 -11.59
N LEU A 302 5.90 11.31 -11.43
CA LEU A 302 4.80 10.62 -12.09
C LEU A 302 4.24 11.53 -13.18
N LEU A 303 4.15 11.02 -14.40
CA LEU A 303 3.58 11.75 -15.52
C LEU A 303 2.46 10.92 -16.13
N ILE A 304 1.23 11.21 -15.73
CA ILE A 304 0.06 10.54 -16.24
C ILE A 304 -0.56 11.41 -17.32
N SER A 305 -1.32 10.77 -18.22
CA SER A 305 -1.99 11.52 -19.31
C SER A 305 -3.49 11.54 -19.05
N CYS A 306 -4.15 12.68 -19.29
CA CYS A 306 -5.59 12.80 -18.99
C CYS A 306 -6.37 13.07 -20.28
N TRP A 307 -7.36 12.23 -20.58
CA TRP A 307 -8.22 12.46 -21.78
C TRP A 307 -9.67 12.18 -21.43
N GLY A 308 -10.59 12.34 -22.38
CA GLY A 308 -12.02 12.15 -22.10
C GLY A 308 -12.32 10.74 -21.61
N HIS A 309 -11.51 9.75 -22.00
CA HIS A 309 -11.80 8.34 -21.65
C HIS A 309 -11.00 7.91 -20.41
N SER A 310 -10.46 8.88 -19.67
CA SER A 310 -9.67 8.56 -18.45
C SER A 310 -10.62 8.29 -17.27
N GLU A 311 -10.45 7.16 -16.59
CA GLU A 311 -11.35 6.82 -15.49
C GLU A 311 -11.18 7.82 -14.35
N PRO A 312 -12.25 8.48 -13.91
CA PRO A 312 -12.11 9.48 -12.84
C PRO A 312 -11.59 8.91 -11.53
N SER A 313 -11.87 7.63 -11.23
CA SER A 313 -11.44 7.04 -9.98
C SER A 313 -9.93 7.00 -9.85
N MET A 314 -9.20 7.21 -10.95
CA MET A 314 -7.75 7.33 -10.87
C MET A 314 -7.33 8.52 -10.03
N ARG A 315 -8.01 9.66 -10.16
CA ARG A 315 -7.54 10.89 -9.52
C ARG A 315 -7.26 10.70 -8.05
N ALA A 316 -8.22 10.14 -7.30
CA ALA A 316 -8.04 9.94 -5.88
C ALA A 316 -6.74 9.19 -5.60
N PHE A 317 -6.50 8.08 -6.30
CA PHE A 317 -5.30 7.32 -6.06
C PHE A 317 -4.06 8.17 -6.29
N LEU A 318 -4.06 8.97 -7.36
CA LEU A 318 -2.91 9.83 -7.61
C LEU A 318 -2.69 10.80 -6.46
N LEU A 319 -3.77 11.37 -5.93
CA LEU A 319 -3.63 12.25 -4.78
C LEU A 319 -3.03 11.49 -3.61
N SER A 320 -3.45 10.24 -3.40
CA SER A 320 -2.88 9.45 -2.33
C SER A 320 -1.38 9.32 -2.47
N LEU A 321 -0.87 9.30 -3.70
CA LEU A 321 0.56 9.25 -3.90
C LEU A 321 1.19 10.62 -3.65
N ALA A 322 0.51 11.68 -4.08
CA ALA A 322 1.09 13.03 -3.99
C ALA A 322 1.16 13.54 -2.57
N ALA A 323 0.50 12.88 -1.61
CA ALA A 323 0.55 13.33 -0.23
C ALA A 323 1.85 12.96 0.46
N LEU A 324 2.59 11.99 -0.08
CA LEU A 324 3.87 11.58 0.50
C LEU A 324 4.97 12.52 0.02
N ARG A 325 4.91 13.77 0.49
CA ARG A 325 5.97 14.74 0.13
C ARG A 325 6.26 15.64 1.34
N ASP A 326 7.00 15.11 2.31
CA ASP A 326 7.33 15.88 3.54
C ASP A 326 8.85 15.82 3.78
N ASN A 327 9.42 16.90 4.31
CA ASN A 327 10.87 16.92 4.63
C ASN A 327 11.16 15.80 5.63
N HIS A 328 10.31 15.66 6.65
CA HIS A 328 10.54 14.64 7.69
C HIS A 328 10.63 13.26 7.04
N THR A 329 9.77 13.01 6.05
CA THR A 329 9.73 11.68 5.40
C THR A 329 10.75 11.64 4.28
N HIS A 330 11.53 12.72 4.09
CA HIS A 330 12.48 12.78 2.98
C HIS A 330 11.90 12.12 1.73
N SER A 331 10.62 12.34 1.48
CA SER A 331 9.93 11.80 0.32
C SER A 331 9.71 12.90 -0.71
N ASP A 332 9.86 12.56 -1.98
CA ASP A 332 9.78 13.53 -3.07
C ASP A 332 8.92 12.99 -4.21
N ILE A 333 7.74 12.46 -3.88
CA ILE A 333 6.79 12.04 -4.90
C ILE A 333 6.18 13.29 -5.52
N GLN A 334 6.19 13.36 -6.86
CA GLN A 334 5.49 14.39 -7.60
C GLN A 334 4.66 13.75 -8.71
N VAL A 335 3.48 14.30 -8.94
CA VAL A 335 2.56 13.78 -9.94
C VAL A 335 2.13 14.93 -10.84
N LYS A 336 2.12 14.69 -12.15
CA LYS A 336 1.68 15.69 -13.11
C LYS A 336 0.88 15.01 -14.21
N LEU A 337 -0.07 15.75 -14.78
CA LEU A 337 -0.93 15.25 -15.84
C LEU A 337 -0.54 15.91 -17.16
N PHE A 338 -0.26 15.08 -18.16
CA PHE A 338 0.10 15.56 -19.50
C PHE A 338 -1.14 15.48 -20.37
N VAL A 339 -1.68 16.63 -20.77
CA VAL A 339 -2.89 16.71 -21.56
C VAL A 339 -2.55 17.35 -22.89
N VAL A 340 -2.81 16.63 -23.97
CA VAL A 340 -2.62 17.15 -25.33
C VAL A 340 -3.82 18.02 -25.69
N PRO A 341 -3.61 19.29 -26.02
CA PRO A 341 -4.75 20.15 -26.38
C PRO A 341 -5.42 19.68 -27.67
N ALA A 342 -6.71 19.95 -27.77
CA ALA A 342 -7.50 19.60 -28.95
C ALA A 342 -8.43 20.74 -29.29
N ASP A 343 -8.35 21.23 -30.51
CA ASP A 343 -9.23 22.30 -30.96
C ASP A 343 -10.57 21.70 -31.39
N GLU A 344 -11.42 22.52 -32.01
CA GLU A 344 -12.74 22.05 -32.41
C GLU A 344 -12.63 20.95 -33.46
N ALA A 345 -11.75 21.12 -34.45
CA ALA A 345 -11.63 20.13 -35.51
C ALA A 345 -11.13 18.79 -34.99
N GLN A 346 -10.11 18.81 -34.12
CA GLN A 346 -9.56 17.57 -33.61
C GLN A 346 -10.43 16.91 -32.55
N ALA A 347 -11.36 17.67 -31.95
CA ALA A 347 -12.24 17.07 -30.96
C ALA A 347 -13.23 16.09 -31.61
N ARG A 348 -13.43 16.20 -32.91
CA ARG A 348 -14.43 15.34 -33.59
C ARG A 348 -13.84 13.93 -33.78
N ILE A 349 -12.52 13.81 -33.86
CA ILE A 349 -11.87 12.52 -34.09
C ILE A 349 -11.97 11.68 -32.83
N PRO A 350 -12.50 10.47 -32.90
CA PRO A 350 -12.64 9.64 -31.69
C PRO A 350 -11.33 8.95 -31.32
N TYR A 351 -11.02 8.98 -30.02
CA TYR A 351 -9.82 8.36 -29.48
C TYR A 351 -8.56 8.93 -30.12
N ALA A 352 -8.46 10.26 -30.13
CA ALA A 352 -7.47 10.93 -30.96
C ALA A 352 -6.40 11.66 -30.17
N ARG A 353 -6.76 12.57 -29.28
CA ARG A 353 -5.80 13.49 -28.67
C ARG A 353 -5.45 13.00 -27.28
N VAL A 354 -4.30 12.35 -27.15
CA VAL A 354 -3.86 11.78 -25.88
C VAL A 354 -2.37 11.51 -25.97
N ASN A 355 -1.71 11.42 -24.83
CA ASN A 355 -0.32 11.00 -24.74
C ASN A 355 -0.29 9.55 -24.28
N ALA A 356 0.16 8.66 -25.16
CA ALA A 356 0.09 7.22 -24.92
C ALA A 356 1.45 6.61 -24.61
N ASN A 357 2.43 7.41 -24.21
CA ASN A 357 3.74 6.86 -23.90
C ASN A 357 3.68 6.06 -22.60
N LYS A 358 4.43 4.96 -22.57
CA LYS A 358 4.55 4.11 -21.38
C LYS A 358 6.01 3.72 -21.23
N TYR A 359 6.72 4.37 -20.32
CA TYR A 359 8.11 4.05 -20.08
C TYR A 359 8.52 4.53 -18.69
N MET A 360 9.66 4.03 -18.23
CA MET A 360 10.23 4.44 -16.95
C MET A 360 11.74 4.44 -17.06
N VAL A 361 12.36 5.54 -16.67
CA VAL A 361 13.81 5.69 -16.69
C VAL A 361 14.30 6.02 -15.28
N THR A 362 15.30 5.28 -14.83
CA THR A 362 15.99 5.57 -13.59
C THR A 362 17.40 6.04 -13.93
N GLU A 363 18.20 6.25 -12.88
CA GLU A 363 19.58 6.68 -13.10
C GLU A 363 20.47 5.57 -13.62
N ARG A 364 19.97 4.32 -13.69
CA ARG A 364 20.81 3.22 -14.14
C ARG A 364 20.10 2.22 -15.05
N ALA A 365 18.85 2.48 -15.39
CA ALA A 365 18.07 1.53 -16.22
C ALA A 365 16.92 2.23 -16.97
N THR A 366 16.51 1.64 -18.10
CA THR A 366 15.38 2.18 -18.89
C THR A 366 14.37 1.08 -19.09
N TYR A 367 13.08 1.41 -18.99
CA TYR A 367 12.01 0.41 -19.20
C TYR A 367 11.11 0.96 -20.28
N ILE A 368 10.93 0.22 -21.38
CA ILE A 368 9.98 0.69 -22.38
C ILE A 368 8.94 -0.40 -22.58
N GLY A 369 7.67 -0.08 -22.32
CA GLY A 369 6.61 -1.07 -22.32
C GLY A 369 5.50 -0.69 -23.28
N THR A 370 4.57 -1.62 -23.43
CA THR A 370 3.44 -1.46 -24.34
C THR A 370 2.10 -1.44 -23.62
N SER A 371 2.08 -1.61 -22.31
CA SER A 371 0.84 -1.70 -21.55
C SER A 371 0.84 -0.68 -20.42
N ASN A 372 -0.35 -0.14 -20.14
CA ASN A 372 -0.51 0.81 -19.05
C ASN A 372 -0.31 0.10 -17.71
N TRP A 373 -0.38 0.87 -16.63
CA TRP A 373 -0.07 0.35 -15.30
C TRP A 373 -1.36 0.12 -14.54
N SER A 374 -1.91 -1.08 -14.71
CA SER A 374 -3.10 -1.51 -14.00
C SER A 374 -3.05 -3.03 -13.88
N GLY A 375 -3.92 -3.57 -13.02
CA GLY A 375 -3.87 -5.00 -12.74
C GLY A 375 -4.13 -5.86 -13.97
N ASN A 376 -5.01 -5.40 -14.86
CA ASN A 376 -5.36 -6.20 -16.02
C ASN A 376 -4.16 -6.39 -16.94
N TYR A 377 -3.37 -5.34 -17.14
CA TYR A 377 -2.26 -5.42 -18.08
C TYR A 377 -1.15 -6.35 -17.61
N PHE A 378 -1.13 -6.71 -16.33
CA PHE A 378 -0.08 -7.55 -15.79
C PHE A 378 -0.58 -8.91 -15.32
N THR A 379 -1.88 -9.09 -15.17
CA THR A 379 -2.45 -10.38 -14.82
C THR A 379 -3.13 -11.09 -15.98
N GLU A 380 -3.88 -10.36 -16.80
CA GLU A 380 -4.61 -10.95 -17.90
C GLU A 380 -4.16 -10.43 -19.26
N THR A 381 -4.14 -9.13 -19.46
CA THR A 381 -3.84 -8.57 -20.78
C THR A 381 -2.40 -8.85 -21.16
N ALA A 382 -2.20 -9.25 -22.41
CA ALA A 382 -0.86 -9.53 -22.90
C ALA A 382 -0.07 -8.24 -23.09
N GLY A 383 1.22 -8.31 -22.80
CA GLY A 383 2.08 -7.15 -22.96
C GLY A 383 3.53 -7.56 -22.99
N THR A 384 4.36 -6.67 -23.54
CA THR A 384 5.78 -6.92 -23.67
C THR A 384 6.54 -5.65 -23.33
N SER A 385 7.76 -5.81 -22.82
CA SER A 385 8.57 -4.67 -22.46
C SER A 385 10.04 -4.99 -22.66
N LEU A 386 10.83 -3.93 -22.86
CA LEU A 386 12.25 -4.02 -23.08
C LEU A 386 12.98 -3.30 -21.95
N LEU A 387 13.97 -3.96 -21.36
CA LEU A 387 14.75 -3.41 -20.26
C LEU A 387 16.21 -3.38 -20.68
N VAL A 388 16.83 -2.20 -20.58
CA VAL A 388 18.20 -2.00 -21.01
C VAL A 388 18.95 -1.26 -19.91
N THR A 389 20.05 -1.84 -19.44
CA THR A 389 20.95 -1.21 -18.49
C THR A 389 22.30 -1.02 -19.18
N GLN A 390 22.76 0.22 -19.25
CA GLN A 390 24.01 0.57 -19.92
C GLN A 390 24.91 1.30 -18.93
N ASN A 391 26.11 0.76 -18.72
CA ASN A 391 27.05 1.39 -17.81
C ASN A 391 27.65 2.64 -18.44
N GLY A 392 27.90 3.65 -17.62
CA GLY A 392 28.49 4.89 -18.08
C GLY A 392 27.45 5.93 -18.42
N ARG A 393 27.91 7.19 -18.47
CA ARG A 393 27.03 8.29 -18.78
C ARG A 393 26.63 8.26 -20.26
N GLY A 394 25.51 8.92 -20.56
CA GLY A 394 25.03 8.97 -21.92
C GLY A 394 24.36 7.68 -22.34
N GLY A 395 23.99 7.63 -23.62
CA GLY A 395 23.38 6.46 -24.20
C GLY A 395 21.88 6.58 -24.36
N LEU A 396 21.24 5.41 -24.48
CA LEU A 396 19.80 5.36 -24.62
C LEU A 396 19.09 5.95 -23.40
N ARG A 397 19.61 5.64 -22.22
CA ARG A 397 19.01 6.14 -20.99
C ARG A 397 19.00 7.66 -20.96
N SER A 398 20.09 8.29 -21.39
CA SER A 398 20.17 9.74 -21.37
C SER A 398 19.15 10.35 -22.31
N GLN A 399 18.98 9.77 -23.51
CA GLN A 399 18.00 10.30 -24.45
C GLN A 399 16.58 10.15 -23.91
N LEU A 400 16.28 9.00 -23.31
CA LEU A 400 14.96 8.82 -22.72
C LEU A 400 14.72 9.80 -21.59
N GLU A 401 15.73 10.02 -20.76
CA GLU A 401 15.60 10.98 -19.67
C GLU A 401 15.39 12.39 -20.19
N ALA A 402 16.09 12.77 -21.26
CA ALA A 402 15.89 14.08 -21.85
C ALA A 402 14.48 14.22 -22.42
N ILE A 403 13.97 13.15 -23.03
CA ILE A 403 12.59 13.17 -23.54
C ILE A 403 11.62 13.39 -22.39
N PHE A 404 11.81 12.65 -21.29
CA PHE A 404 10.91 12.80 -20.15
C PHE A 404 11.00 14.19 -19.55
N LEU A 405 12.20 14.76 -19.46
CA LEU A 405 12.32 16.09 -18.88
C LEU A 405 11.73 17.16 -19.80
N ARG A 406 11.81 16.94 -21.12
CA ARG A 406 11.13 17.85 -22.04
C ARG A 406 9.62 17.78 -21.86
N ASP A 407 9.07 16.57 -21.68
CA ASP A 407 7.64 16.44 -21.44
C ASP A 407 7.25 17.07 -20.10
N TRP A 408 8.06 16.86 -19.07
CA TRP A 408 7.70 17.27 -17.72
C TRP A 408 7.64 18.79 -17.60
N ASP A 409 8.58 19.49 -18.23
CA ASP A 409 8.63 20.94 -18.17
C ASP A 409 7.78 21.62 -19.23
N SER A 410 7.06 20.85 -20.04
CA SER A 410 6.25 21.41 -21.09
C SER A 410 5.06 22.18 -20.51
N PRO A 411 4.51 23.12 -21.28
CA PRO A 411 3.25 23.75 -20.86
C PRO A 411 2.04 22.83 -20.91
N TYR A 412 2.22 21.58 -21.35
CA TYR A 412 1.13 20.63 -21.46
C TYR A 412 1.03 19.71 -20.25
N SER A 413 1.87 19.90 -19.24
CA SER A 413 1.81 19.11 -18.01
C SER A 413 1.44 20.02 -16.86
N HIS A 414 0.44 19.61 -16.08
CA HIS A 414 -0.12 20.44 -15.03
C HIS A 414 -0.22 19.65 -13.74
N ASP A 415 -0.24 20.37 -12.62
CA ASP A 415 -0.41 19.74 -11.32
C ASP A 415 -1.86 19.30 -11.13
N LEU A 416 -2.06 18.38 -10.20
CA LEU A 416 -3.38 17.80 -9.97
C LEU A 416 -4.41 18.79 -9.46
N ASP A 417 -3.98 19.96 -8.98
CA ASP A 417 -4.90 20.98 -8.50
C ASP A 417 -5.30 21.98 -9.58
N THR A 418 -4.83 21.79 -10.81
CA THR A 418 -5.14 22.72 -11.88
C THR A 418 -6.63 22.68 -12.21
N SER A 419 -7.21 23.84 -12.47
CA SER A 419 -8.60 23.92 -12.88
C SER A 419 -8.75 23.32 -14.27
N ALA A 420 -9.80 22.52 -14.46
CA ALA A 420 -9.99 21.80 -15.71
C ALA A 420 -10.28 22.71 -16.90
N ASP A 421 -10.64 23.97 -16.66
CA ASP A 421 -10.96 24.87 -17.76
C ASP A 421 -9.72 25.33 -18.50
N SER A 422 -8.64 25.63 -17.77
CA SER A 422 -7.43 26.14 -18.41
C SER A 422 -6.79 25.11 -19.31
N VAL A 423 -7.01 23.82 -19.05
CA VAL A 423 -6.46 22.77 -19.89
C VAL A 423 -7.13 22.79 -21.25
N GLY A 424 -6.34 22.53 -22.31
CA GLY A 424 -6.88 22.59 -23.66
C GLY A 424 -7.93 21.53 -23.94
N ASN A 425 -7.68 20.30 -23.52
CA ASN A 425 -8.59 19.19 -23.81
C ASN A 425 -9.61 19.05 -22.68
N ALA A 426 -10.37 17.96 -22.71
CA ALA A 426 -11.33 17.66 -21.66
C ALA A 426 -10.71 16.65 -20.70
N CYS A 427 -10.56 17.04 -19.44
CA CYS A 427 -9.90 16.23 -18.43
C CYS A 427 -10.91 15.83 -17.37
N ARG A 428 -11.01 14.52 -17.12
CA ARG A 428 -11.88 14.00 -16.07
C ARG A 428 -11.19 13.92 -14.72
N LEU A 429 -9.88 14.15 -14.66
CA LEU A 429 -9.13 14.07 -13.42
C LEU A 429 -8.89 15.44 -12.79
N LEU A 430 -9.46 16.50 -13.33
CA LEU A 430 -9.28 17.85 -12.82
C LEU A 430 -10.63 18.43 -12.43
N LEU A 431 -10.69 19.00 -11.23
CA LEU A 431 -11.93 19.57 -10.73
C LEU A 431 -12.12 20.98 -11.28
N GLU A 432 -13.36 21.27 -11.68
CA GLU A 432 -13.66 22.60 -12.20
C GLU A 432 -13.49 23.65 -11.10
N VAL A 433 -13.00 24.82 -11.51
CA VAL A 433 -12.65 25.95 -10.63
C VAL A 433 -12.13 25.50 -9.26
N PRO C 14 -12.92 -26.25 22.20
CA PRO C 14 -12.72 -26.95 23.46
C PRO C 14 -13.99 -27.10 24.27
N ALA C 15 -13.95 -26.72 25.55
CA ALA C 15 -15.14 -26.80 26.42
C ALA C 15 -15.60 -25.39 26.77
N PRO C 16 -16.90 -25.06 26.74
CA PRO C 16 -17.35 -23.70 26.99
C PRO C 16 -17.10 -23.23 28.42
N CYS C 17 -16.80 -21.94 28.61
CA CYS C 17 -16.63 -21.38 29.97
C CYS C 17 -18.01 -20.99 30.51
N TYR C 18 -18.56 -21.78 31.44
CA TYR C 18 -19.91 -21.49 31.99
C TYR C 18 -19.76 -20.57 33.18
N ASP C 19 -19.04 -19.47 32.99
CA ASP C 19 -18.81 -18.48 34.08
C ASP C 19 -19.67 -17.25 33.84
N PRO C 20 -20.25 -16.64 34.89
CA PRO C 20 -21.06 -15.46 34.73
C PRO C 20 -20.20 -14.33 34.24
N CYS C 21 -19.56 -14.51 33.09
CA CYS C 21 -18.63 -13.51 32.59
C CYS C 21 -19.33 -12.19 32.36
N GLU C 22 -18.74 -11.10 32.87
CA GLU C 22 -19.29 -9.77 32.68
C GLU C 22 -18.17 -8.84 32.26
N ALA C 23 -18.51 -7.81 31.50
CA ALA C 23 -17.51 -6.89 30.97
C ALA C 23 -17.92 -5.45 31.25
N VAL C 24 -16.95 -4.63 31.66
CA VAL C 24 -17.18 -3.21 31.90
C VAL C 24 -16.13 -2.43 31.15
N LEU C 25 -16.55 -1.38 30.45
CA LEU C 25 -15.64 -0.47 29.78
C LEU C 25 -15.28 0.66 30.72
N VAL C 26 -14.03 0.69 31.18
CA VAL C 26 -13.56 1.71 32.09
C VAL C 26 -12.65 2.65 31.32
N GLU C 27 -12.89 3.95 31.48
CA GLU C 27 -12.05 4.95 30.84
C GLU C 27 -11.79 6.09 31.81
N SER C 28 -10.58 6.62 31.78
CA SER C 28 -10.21 7.75 32.62
C SER C 28 -10.31 9.02 31.80
N ILE C 29 -11.12 9.96 32.27
CA ILE C 29 -11.33 11.23 31.57
C ILE C 29 -10.47 12.28 32.25
N PRO C 30 -9.53 12.90 31.56
CA PRO C 30 -8.66 13.90 32.20
C PRO C 30 -9.43 15.14 32.59
N GLU C 31 -8.92 15.82 33.62
CA GLU C 31 -9.51 17.08 34.06
C GLU C 31 -9.50 18.10 32.94
N GLY C 32 -10.59 18.84 32.81
CA GLY C 32 -10.77 19.78 31.73
C GLY C 32 -11.42 19.19 30.49
N LEU C 33 -11.60 17.87 30.44
CA LEU C 33 -12.29 17.21 29.34
C LEU C 33 -13.70 16.86 29.81
N ASP C 34 -14.69 17.57 29.27
CA ASP C 34 -16.10 17.33 29.70
C ASP C 34 -16.96 17.09 28.46
N PHE C 35 -17.31 15.84 28.18
CA PHE C 35 -18.21 15.54 27.03
C PHE C 35 -19.62 15.95 27.44
N PRO C 36 -20.24 16.96 26.79
CA PRO C 36 -21.54 17.44 27.21
C PRO C 36 -22.55 16.30 27.17
N ASN C 37 -22.51 15.50 26.11
CA ASN C 37 -23.42 14.31 26.02
C ASN C 37 -23.19 13.44 27.25
N ALA C 38 -24.26 13.10 27.97
CA ALA C 38 -24.13 12.30 29.21
C ALA C 38 -24.34 10.82 28.89
N SER C 39 -24.73 10.02 29.90
CA SER C 39 -25.00 8.58 29.71
C SER C 39 -23.68 7.81 29.52
N THR C 40 -22.53 8.49 29.59
CA THR C 40 -21.24 7.79 29.52
C THR C 40 -21.28 6.65 30.50
N GLY C 41 -21.65 6.94 31.75
CA GLY C 41 -21.80 5.89 32.75
C GLY C 41 -20.71 4.85 32.79
N ASN C 42 -19.45 5.28 32.64
CA ASN C 42 -18.33 4.34 32.68
C ASN C 42 -17.50 4.58 33.92
N PRO C 43 -17.24 3.56 34.73
CA PRO C 43 -16.36 3.74 35.89
C PRO C 43 -14.95 4.12 35.44
N SER C 44 -14.31 4.99 36.22
CA SER C 44 -12.95 5.39 35.90
C SER C 44 -11.98 4.23 36.14
N THR C 45 -10.82 4.31 35.51
CA THR C 45 -9.81 3.27 35.69
C THR C 45 -9.37 3.18 37.14
N SER C 46 -9.28 4.33 37.82
CA SER C 46 -8.91 4.33 39.23
C SER C 46 -9.93 3.59 40.08
N GLN C 47 -11.22 3.84 39.84
CA GLN C 47 -12.25 3.16 40.61
C GLN C 47 -12.23 1.66 40.38
N ALA C 48 -12.09 1.24 39.11
CA ALA C 48 -12.03 -0.18 38.81
C ALA C 48 -10.81 -0.83 39.45
N TRP C 49 -9.66 -0.15 39.39
CA TRP C 49 -8.45 -0.70 40.00
C TRP C 49 -8.60 -0.82 41.51
N LEU C 50 -9.18 0.19 42.15
CA LEU C 50 -9.38 0.12 43.59
C LEU C 50 -10.34 -1.01 43.95
N GLY C 51 -11.39 -1.19 43.15
CA GLY C 51 -12.30 -2.29 43.39
C GLY C 51 -11.63 -3.65 43.23
N LEU C 52 -10.76 -3.77 42.22
CA LEU C 52 -10.03 -5.02 42.01
C LEU C 52 -9.09 -5.30 43.17
N LEU C 53 -8.35 -4.28 43.63
CA LEU C 53 -7.40 -4.48 44.71
C LEU C 53 -8.12 -4.78 46.02
N ALA C 54 -9.24 -4.12 46.28
CA ALA C 54 -9.98 -4.36 47.51
C ALA C 54 -10.48 -5.81 47.57
N GLY C 55 -10.94 -6.34 46.45
CA GLY C 55 -11.41 -7.71 46.39
C GLY C 55 -10.35 -8.75 46.15
N ALA C 56 -9.08 -8.35 46.08
CA ALA C 56 -8.00 -9.30 45.83
C ALA C 56 -7.61 -9.98 47.14
N HIS C 57 -7.64 -11.32 47.13
CA HIS C 57 -7.28 -12.08 48.32
C HIS C 57 -6.38 -13.28 48.05
N SER C 58 -6.16 -13.68 46.81
CA SER C 58 -5.35 -14.85 46.51
C SER C 58 -4.12 -14.54 45.67
N SER C 59 -4.27 -13.81 44.57
CA SER C 59 -3.15 -13.56 43.67
C SER C 59 -3.40 -12.26 42.91
N LEU C 60 -2.33 -11.73 42.34
CA LEU C 60 -2.42 -10.51 41.53
C LEU C 60 -1.19 -10.45 40.63
N ASP C 61 -1.39 -10.45 39.30
CA ASP C 61 -0.31 -10.42 38.29
C ASP C 61 -0.44 -9.18 37.43
N ILE C 62 0.58 -8.32 37.42
CA ILE C 62 0.57 -7.04 36.72
C ILE C 62 1.66 -7.04 35.67
N ALA C 63 1.32 -6.66 34.44
CA ALA C 63 2.29 -6.42 33.39
C ALA C 63 2.23 -4.95 32.99
N SER C 64 3.33 -4.24 33.19
CA SER C 64 3.36 -2.79 33.05
C SER C 64 4.58 -2.36 32.27
N PHE C 65 4.43 -1.26 31.52
CA PHE C 65 5.56 -0.67 30.82
C PHE C 65 6.51 -0.01 31.82
N TYR C 66 5.98 0.78 32.75
CA TYR C 66 6.78 1.49 33.73
C TYR C 66 5.90 1.81 34.92
N TRP C 67 6.52 2.24 36.01
CA TRP C 67 5.80 2.59 37.22
C TRP C 67 6.18 4.00 37.65
N THR C 68 5.19 4.89 37.69
CA THR C 68 5.44 6.27 38.11
C THR C 68 4.14 6.77 38.76
N LEU C 69 4.04 6.62 40.08
CA LEU C 69 2.79 6.88 40.78
C LEU C 69 2.84 8.13 41.66
N THR C 70 3.84 8.24 42.53
CA THR C 70 3.88 9.38 43.42
C THR C 70 4.37 10.63 42.69
N ASN C 71 4.30 11.77 43.39
CA ASN C 71 4.86 13.00 42.86
C ASN C 71 6.38 12.96 42.79
N ASN C 72 7.02 12.17 43.66
CA ASN C 72 8.48 12.12 43.68
C ASN C 72 9.05 11.51 42.40
N ASP C 73 8.36 10.52 41.83
CA ASP C 73 8.86 9.88 40.62
C ASP C 73 8.88 10.82 39.42
N THR C 74 8.11 11.91 39.46
CA THR C 74 8.14 12.92 38.41
C THR C 74 8.73 14.25 38.89
N HIS C 75 9.04 14.38 40.17
CA HIS C 75 9.56 15.62 40.74
C HIS C 75 8.62 16.80 40.46
N THR C 76 7.32 16.56 40.57
CA THR C 76 6.30 17.58 40.42
C THR C 76 5.55 17.73 41.74
N GLN C 77 4.59 18.66 41.76
CA GLN C 77 3.79 18.93 42.95
C GLN C 77 2.33 19.08 42.58
N GLU C 78 1.83 18.19 41.73
CA GLU C 78 0.43 18.22 41.34
C GLU C 78 -0.41 17.47 42.37
N PRO C 79 -1.44 18.09 42.94
CA PRO C 79 -2.39 17.33 43.77
C PRO C 79 -3.11 16.26 42.99
N SER C 80 -3.23 16.42 41.67
CA SER C 80 -3.85 15.45 40.79
C SER C 80 -3.26 14.05 40.91
N ALA C 81 -2.06 13.91 41.48
CA ALA C 81 -1.43 12.61 41.64
C ALA C 81 -2.02 11.80 42.78
N GLN C 82 -2.87 12.41 43.61
CA GLN C 82 -3.35 11.74 44.82
C GLN C 82 -3.93 10.38 44.51
N GLN C 83 -4.83 10.30 43.52
CA GLN C 83 -5.43 9.01 43.17
C GLN C 83 -4.36 7.96 42.92
N GLY C 84 -3.37 8.29 42.08
CA GLY C 84 -2.30 7.34 41.82
C GLY C 84 -1.61 6.92 43.11
N GLU C 85 -1.27 7.89 43.95
CA GLU C 85 -0.65 7.56 45.23
C GLU C 85 -1.53 6.61 46.02
N GLU C 86 -2.85 6.88 46.03
CA GLU C 86 -3.76 5.99 46.73
C GLU C 86 -3.62 4.56 46.25
N VAL C 87 -3.57 4.37 44.92
CA VAL C 87 -3.39 3.03 44.38
C VAL C 87 -2.14 2.40 44.95
N LEU C 88 -1.04 3.16 44.95
CA LEU C 88 0.21 2.64 45.52
C LEU C 88 0.00 2.16 46.94
N ARG C 89 -0.69 2.97 47.76
CA ARG C 89 -0.93 2.57 49.14
C ARG C 89 -1.64 1.21 49.18
N GLN C 90 -2.69 1.05 48.38
CA GLN C 90 -3.40 -0.21 48.38
C GLN C 90 -2.47 -1.34 47.95
N LEU C 91 -1.64 -1.09 46.94
CA LEU C 91 -0.73 -2.13 46.48
C LEU C 91 0.24 -2.54 47.58
N GLN C 92 0.58 -1.60 48.48
CA GLN C 92 1.47 -1.96 49.57
C GLN C 92 0.72 -2.72 50.66
N THR C 93 -0.58 -2.49 50.79
CA THR C 93 -1.33 -3.11 51.89
C THR C 93 -1.64 -4.57 51.61
N LEU C 94 -1.83 -4.94 50.34
CA LEU C 94 -2.31 -6.27 50.02
C LEU C 94 -1.20 -7.31 49.95
N ALA C 95 0.06 -6.90 49.88
CA ALA C 95 1.14 -7.88 49.92
C ALA C 95 1.23 -8.60 51.25
N PRO C 96 1.24 -7.92 52.41
CA PRO C 96 1.33 -8.66 53.68
C PRO C 96 0.14 -9.55 53.97
N LYS C 97 -1.03 -9.27 53.37
CA LYS C 97 -2.23 -10.05 53.67
C LYS C 97 -2.15 -11.49 53.15
N GLY C 98 -1.16 -11.81 52.32
CA GLY C 98 -1.02 -13.14 51.78
C GLY C 98 -1.25 -13.27 50.30
N VAL C 99 -1.34 -12.16 49.58
CA VAL C 99 -1.60 -12.18 48.15
C VAL C 99 -0.25 -12.23 47.41
N ASN C 100 -0.13 -13.16 46.48
CA ASN C 100 1.10 -13.34 45.72
C ASN C 100 1.17 -12.29 44.62
N VAL C 101 1.71 -11.11 44.97
CA VAL C 101 1.88 -10.05 43.99
C VAL C 101 3.07 -10.38 43.11
N ARG C 102 2.87 -10.33 41.79
CA ARG C 102 3.93 -10.56 40.82
C ARG C 102 3.84 -9.48 39.76
N ILE C 103 4.94 -8.77 39.55
CA ILE C 103 4.97 -7.60 38.67
C ILE C 103 6.08 -7.78 37.66
N ALA C 104 5.76 -7.61 36.38
CA ALA C 104 6.74 -7.60 35.31
C ALA C 104 6.82 -6.19 34.75
N VAL C 105 8.02 -5.62 34.74
CA VAL C 105 8.25 -4.26 34.28
C VAL C 105 9.45 -4.25 33.34
N SER C 106 9.32 -3.57 32.21
CA SER C 106 10.41 -3.50 31.25
C SER C 106 11.61 -2.79 31.86
N LYS C 107 12.80 -3.31 31.55
CA LYS C 107 14.05 -2.72 32.14
C LYS C 107 14.30 -1.34 31.53
N PRO C 108 14.40 -0.27 32.35
CA PRO C 108 14.72 1.05 31.81
C PRO C 108 16.10 1.02 31.19
N SER C 109 16.24 1.62 30.01
CA SER C 109 17.56 1.69 29.33
C SER C 109 18.61 2.25 30.31
N GLY C 110 18.32 3.41 30.90
CA GLY C 110 19.26 4.04 31.85
C GLY C 110 19.05 3.53 33.26
N PRO C 111 19.82 4.01 34.27
CA PRO C 111 19.62 3.60 35.64
C PRO C 111 18.53 4.42 36.31
N GLN C 112 17.33 4.41 35.74
CA GLN C 112 16.19 5.18 36.31
C GLN C 112 15.83 4.60 37.69
N PRO C 113 15.75 5.43 38.75
CA PRO C 113 15.36 4.94 40.07
C PRO C 113 13.95 4.39 40.04
N GLN C 114 13.74 3.21 40.64
CA GLN C 114 12.39 2.59 40.69
C GLN C 114 11.85 2.72 42.12
N ALA C 115 11.48 3.93 42.54
CA ALA C 115 11.03 4.14 43.91
C ALA C 115 9.82 3.26 44.25
N ASP C 116 8.83 3.24 43.35
CA ASP C 116 7.63 2.43 43.59
C ASP C 116 7.98 0.95 43.64
N LEU C 117 8.85 0.50 42.74
CA LEU C 117 9.25 -0.91 42.77
C LEU C 117 10.00 -1.24 44.05
N GLN C 118 10.84 -0.32 44.53
CA GLN C 118 11.53 -0.53 45.79
C GLN C 118 10.53 -0.66 46.93
N ALA C 119 9.53 0.23 46.97
CA ALA C 119 8.53 0.17 48.03
C ALA C 119 7.75 -1.14 47.99
N LEU C 120 7.37 -1.58 46.79
CA LEU C 120 6.66 -2.85 46.65
C LEU C 120 7.53 -4.01 47.09
N LEU C 121 8.83 -3.97 46.77
CA LEU C 121 9.73 -5.02 47.20
C LEU C 121 9.84 -5.08 48.72
N GLN C 122 9.90 -3.91 49.37
CA GLN C 122 9.85 -3.89 50.83
C GLN C 122 8.54 -4.46 51.34
N SER C 123 7.44 -4.19 50.64
CA SER C 123 6.14 -4.70 51.07
C SER C 123 6.12 -6.22 51.05
N GLY C 124 6.70 -6.84 50.03
CA GLY C 124 6.72 -8.29 49.95
C GLY C 124 6.40 -8.79 48.56
N ALA C 125 6.22 -7.87 47.61
CA ALA C 125 5.93 -8.24 46.23
C ALA C 125 7.18 -8.82 45.57
N GLN C 126 6.96 -9.45 44.41
CA GLN C 126 8.04 -9.98 43.59
C GLN C 126 8.08 -9.19 42.28
N VAL C 127 9.23 -8.59 41.99
CA VAL C 127 9.42 -7.81 40.78
C VAL C 127 10.50 -8.48 39.94
N ARG C 128 10.15 -8.87 38.73
CA ARG C 128 11.10 -9.44 37.78
C ARG C 128 11.16 -8.52 36.58
N MET C 129 12.28 -7.82 36.43
CA MET C 129 12.43 -6.82 35.39
C MET C 129 12.86 -7.50 34.10
N VAL C 130 12.11 -7.28 33.03
CA VAL C 130 12.32 -7.98 31.76
C VAL C 130 13.11 -7.07 30.83
N ASP C 131 14.27 -7.55 30.38
CA ASP C 131 15.16 -6.78 29.51
C ASP C 131 14.86 -7.16 28.06
N MET C 132 13.79 -6.59 27.53
CA MET C 132 13.30 -6.97 26.20
C MET C 132 14.31 -6.63 25.12
N GLN C 133 15.10 -5.57 25.30
CA GLN C 133 16.04 -5.14 24.27
C GLN C 133 17.05 -6.24 23.95
N LYS C 134 17.48 -6.98 24.97
CA LYS C 134 18.48 -8.03 24.75
C LYS C 134 17.94 -9.15 23.88
N LEU C 135 16.69 -9.57 24.10
CA LEU C 135 16.16 -10.75 23.43
C LEU C 135 15.55 -10.40 22.07
N THR C 136 14.59 -9.50 22.05
CA THR C 136 13.80 -9.22 20.86
C THR C 136 14.06 -7.82 20.29
N HIS C 137 14.82 -6.98 21.00
CA HIS C 137 15.18 -5.63 20.56
C HIS C 137 13.99 -4.68 20.61
N GLY C 138 13.16 -4.85 21.64
CA GLY C 138 12.03 -3.95 21.86
C GLY C 138 11.83 -3.64 23.33
N VAL C 139 10.58 -3.37 23.72
CA VAL C 139 10.24 -3.10 25.11
C VAL C 139 9.02 -3.92 25.48
N LEU C 140 8.75 -4.00 26.78
CA LEU C 140 7.56 -4.69 27.29
C LEU C 140 6.44 -3.67 27.50
N ALA C 141 5.85 -3.18 26.42
CA ALA C 141 4.84 -2.10 26.54
C ALA C 141 3.41 -2.65 26.71
N THR C 142 3.25 -3.81 27.33
CA THR C 142 1.90 -4.39 27.54
C THR C 142 1.35 -3.91 28.87
N LYS C 143 0.03 -3.71 28.95
CA LYS C 143 -0.61 -3.26 30.20
C LYS C 143 -1.83 -4.15 30.49
N PHE C 144 -1.71 -5.08 31.44
CA PHE C 144 -2.86 -5.94 31.82
C PHE C 144 -2.74 -6.37 33.29
N TRP C 145 -3.89 -6.68 33.91
CA TRP C 145 -3.91 -7.16 35.32
C TRP C 145 -4.59 -8.51 35.38
N VAL C 146 -4.27 -9.34 36.37
CA VAL C 146 -4.96 -10.65 36.56
C VAL C 146 -5.23 -10.79 38.07
N VAL C 147 -6.49 -10.69 38.49
CA VAL C 147 -6.80 -10.70 39.92
C VAL C 147 -7.53 -12.00 40.24
N ASP C 148 -6.98 -12.74 41.21
CA ASP C 148 -7.56 -14.00 41.71
C ASP C 148 -7.77 -15.02 40.61
N GLN C 149 -7.14 -14.82 39.46
CA GLN C 149 -7.35 -15.65 38.27
C GLN C 149 -8.82 -15.73 37.89
N THR C 150 -9.62 -14.77 38.34
CA THR C 150 -11.01 -14.63 37.92
C THR C 150 -11.27 -13.33 37.18
N HIS C 151 -10.88 -12.20 37.77
CA HIS C 151 -11.07 -10.92 37.10
C HIS C 151 -9.79 -10.53 36.36
N PHE C 152 -9.93 -9.66 35.37
CA PHE C 152 -8.74 -9.10 34.76
C PHE C 152 -9.06 -7.73 34.16
N TYR C 153 -7.99 -6.95 33.98
CA TYR C 153 -8.06 -5.61 33.35
C TYR C 153 -7.09 -5.61 32.18
N LEU C 154 -7.47 -5.04 31.05
CA LEU C 154 -6.60 -4.93 29.86
C LEU C 154 -6.95 -3.58 29.26
N GLY C 155 -5.95 -2.81 28.87
CA GLY C 155 -6.23 -1.45 28.38
C GLY C 155 -4.99 -0.67 28.06
N SER C 156 -5.09 0.65 28.09
CA SER C 156 -3.98 1.54 27.68
C SER C 156 -3.37 2.23 28.90
N ALA C 157 -3.61 1.72 30.11
CA ALA C 157 -3.16 2.43 31.33
C ALA C 157 -1.84 1.89 31.83
N ASN C 158 -0.86 2.79 31.94
CA ASN C 158 0.44 2.39 32.51
C ASN C 158 0.32 2.66 34.00
N MET C 159 1.19 2.07 34.82
CA MET C 159 1.15 2.30 36.28
C MET C 159 1.69 3.71 36.53
N ASP C 160 0.97 4.71 36.01
CA ASP C 160 1.37 6.13 36.12
C ASP C 160 0.16 6.86 36.72
N TRP C 161 0.37 8.01 37.33
CA TRP C 161 -0.73 8.76 37.96
C TRP C 161 -1.32 9.71 36.94
N ARG C 162 -0.63 9.89 35.82
CA ARG C 162 -1.11 10.79 34.74
C ARG C 162 -2.04 9.96 33.87
N SER C 163 -1.85 8.65 33.85
CA SER C 163 -2.74 7.74 33.09
C SER C 163 -4.05 7.58 33.84
N LEU C 164 -4.21 8.22 34.99
CA LEU C 164 -5.44 8.12 35.82
C LEU C 164 -6.14 9.48 35.87
N THR C 165 -5.44 10.57 35.56
CA THR C 165 -6.03 11.92 35.69
C THR C 165 -5.64 12.84 34.54
N GLN C 166 -4.55 12.61 33.83
CA GLN C 166 -4.11 13.60 32.80
C GLN C 166 -4.10 12.97 31.39
N VAL C 167 -4.06 11.65 31.29
CA VAL C 167 -4.11 10.96 29.97
C VAL C 167 -5.52 10.35 29.80
N LYS C 168 -6.09 10.44 28.60
CA LYS C 168 -7.44 9.85 28.31
C LYS C 168 -7.18 8.39 28.03
N GLU C 169 -8.15 7.53 28.29
CA GLU C 169 -7.82 6.12 28.25
C GLU C 169 -9.04 5.32 27.83
N LEU C 170 -8.82 4.02 27.63
CA LEU C 170 -9.89 3.08 27.31
C LEU C 170 -9.41 1.69 27.65
N GLY C 171 -10.11 1.00 28.55
CA GLY C 171 -9.78 -0.36 28.89
C GLY C 171 -11.03 -1.12 29.27
N VAL C 172 -10.87 -2.44 29.39
CA VAL C 172 -11.96 -3.32 29.74
C VAL C 172 -11.58 -4.10 30.99
N VAL C 173 -12.51 -4.13 31.95
CA VAL C 173 -12.39 -4.97 33.14
C VAL C 173 -13.40 -6.09 32.99
N MET C 174 -12.89 -7.31 32.90
CA MET C 174 -13.77 -8.49 32.79
C MET C 174 -13.86 -9.17 34.16
N TYR C 175 -15.06 -9.36 34.67
CA TYR C 175 -15.33 -9.93 35.97
C TYR C 175 -15.89 -11.35 35.83
N ASN C 176 -15.55 -12.20 36.80
CA ASN C 176 -16.09 -13.58 36.83
C ASN C 176 -15.81 -14.31 35.51
N CYS C 177 -14.56 -14.30 35.05
CA CYS C 177 -14.19 -15.07 33.82
C CYS C 177 -12.86 -15.78 34.07
N SER C 178 -12.87 -16.82 34.91
CA SER C 178 -11.60 -17.51 35.27
C SER C 178 -10.89 -18.01 34.01
N CYS C 179 -11.63 -18.60 33.07
CA CYS C 179 -10.98 -19.19 31.86
C CYS C 179 -10.19 -18.12 31.11
N LEU C 180 -10.81 -16.97 30.84
CA LEU C 180 -10.12 -15.92 30.04
C LEU C 180 -8.97 -15.34 30.88
N ALA C 181 -9.21 -15.11 32.18
CA ALA C 181 -8.15 -14.58 33.07
C ALA C 181 -6.97 -15.54 33.09
N ARG C 182 -7.24 -16.85 33.17
CA ARG C 182 -6.16 -17.86 33.19
C ARG C 182 -5.42 -17.85 31.85
N ASP C 183 -6.14 -17.61 30.74
CA ASP C 183 -5.48 -17.52 29.41
C ASP C 183 -4.56 -16.30 29.40
N LEU C 184 -4.99 -15.18 30.00
CA LEU C 184 -4.13 -13.97 30.07
C LEU C 184 -2.92 -14.26 30.97
N THR C 185 -3.11 -15.07 32.01
CA THR C 185 -2.00 -15.43 32.92
C THR C 185 -0.95 -16.20 32.13
N LYS C 186 -1.38 -17.14 31.30
CA LYS C 186 -0.42 -17.90 30.45
C LYS C 186 0.58 -16.92 29.84
N ILE C 187 0.10 -15.77 29.36
CA ILE C 187 1.00 -14.77 28.78
C ILE C 187 1.85 -14.13 29.86
N PHE C 188 1.24 -13.81 31.00
CA PHE C 188 2.02 -13.21 32.08
C PHE C 188 3.10 -14.16 32.57
N GLU C 189 2.79 -15.46 32.63
CA GLU C 189 3.79 -16.44 33.04
C GLU C 189 4.91 -16.56 32.02
N ALA C 190 4.59 -16.42 30.72
CA ALA C 190 5.63 -16.38 29.71
C ALA C 190 6.57 -15.21 29.96
N TYR C 191 6.00 -14.03 30.24
CA TYR C 191 6.83 -12.87 30.57
C TYR C 191 7.65 -13.11 31.84
N TRP C 192 7.03 -13.74 32.84
CA TRP C 192 7.70 -14.00 34.11
C TRP C 192 8.90 -14.90 33.92
N PHE C 193 8.73 -15.98 33.17
CA PHE C 193 9.83 -16.93 32.96
C PHE C 193 10.92 -16.32 32.08
N LEU C 194 10.54 -15.60 31.04
CA LEU C 194 11.53 -15.13 30.08
C LEU C 194 12.40 -14.01 30.64
N GLY C 195 11.99 -13.36 31.73
CA GLY C 195 12.74 -12.22 32.22
C GLY C 195 13.27 -12.33 33.64
N GLN C 196 13.67 -13.52 34.06
CA GLN C 196 14.23 -13.67 35.41
C GLN C 196 15.70 -13.27 35.44
N ALA C 197 16.55 -14.05 34.77
CA ALA C 197 17.97 -13.73 34.65
C ALA C 197 18.63 -14.62 33.60
N GLY C 198 19.25 -14.02 32.60
CA GLY C 198 20.01 -14.77 31.62
C GLY C 198 19.22 -15.85 30.89
N SER C 199 18.00 -15.54 30.49
CA SER C 199 17.16 -16.48 29.78
C SER C 199 16.97 -16.04 28.33
N SER C 200 16.49 -16.97 27.51
CA SER C 200 16.29 -16.72 26.09
C SER C 200 15.06 -17.48 25.62
N ILE C 201 14.56 -17.08 24.46
CA ILE C 201 13.35 -17.68 23.89
C ILE C 201 13.61 -19.14 23.57
N PRO C 202 12.84 -20.07 24.12
CA PRO C 202 12.98 -21.48 23.74
C PRO C 202 12.56 -21.69 22.29
N SER C 203 13.17 -22.70 21.65
CA SER C 203 12.79 -23.05 20.29
C SER C 203 11.33 -23.46 20.22
N THR C 204 10.88 -24.25 21.19
CA THR C 204 9.47 -24.61 21.33
C THR C 204 9.06 -24.37 22.77
N TRP C 205 8.03 -23.56 22.97
CA TRP C 205 7.56 -23.30 24.32
C TRP C 205 6.94 -24.56 24.90
N PRO C 206 7.09 -24.77 26.21
CA PRO C 206 6.51 -25.96 26.84
C PRO C 206 4.99 -25.96 26.73
N ARG C 207 4.40 -27.13 26.97
CA ARG C 207 2.94 -27.25 26.91
C ARG C 207 2.25 -26.37 27.93
N PHE C 208 2.96 -25.88 28.96
CA PHE C 208 2.34 -24.99 29.93
C PHE C 208 1.86 -23.71 29.29
N TYR C 209 2.65 -23.15 28.37
CA TYR C 209 2.33 -21.85 27.78
C TYR C 209 1.45 -21.97 26.54
N ASP C 210 1.14 -23.17 26.09
CA ASP C 210 0.31 -23.33 24.90
C ASP C 210 -1.16 -23.06 25.23
N THR C 211 -1.88 -22.58 24.23
CA THR C 211 -3.30 -22.24 24.40
C THR C 211 -4.11 -22.86 23.27
N ARG C 212 -5.39 -23.09 23.55
CA ARG C 212 -6.31 -23.69 22.60
C ARG C 212 -7.39 -22.73 22.13
N TYR C 213 -7.28 -21.45 22.46
CA TYR C 213 -8.31 -20.47 22.13
C TYR C 213 -7.66 -19.39 21.26
N ASN C 214 -7.63 -19.66 19.95
CA ASN C 214 -7.06 -18.75 18.97
C ASN C 214 -8.17 -18.27 18.03
N GLN C 215 -7.79 -17.55 16.98
CA GLN C 215 -8.75 -16.97 16.06
C GLN C 215 -9.57 -18.06 15.36
N GLU C 216 -8.94 -19.18 15.02
CA GLU C 216 -9.67 -20.27 14.36
C GLU C 216 -10.71 -20.88 15.29
N THR C 217 -10.37 -21.04 16.57
CA THR C 217 -11.28 -21.63 17.55
C THR C 217 -11.33 -20.72 18.78
N PRO C 218 -12.08 -19.62 18.70
CA PRO C 218 -12.19 -18.74 19.86
C PRO C 218 -13.02 -19.39 20.96
N MET C 219 -12.86 -18.86 22.16
CA MET C 219 -13.51 -19.44 23.33
C MET C 219 -14.94 -18.94 23.46
N GLU C 220 -15.84 -19.85 23.79
CA GLU C 220 -17.27 -19.53 23.93
C GLU C 220 -17.54 -19.13 25.37
N ILE C 221 -17.69 -17.83 25.60
CA ILE C 221 -18.04 -17.33 26.94
C ILE C 221 -19.51 -16.94 26.95
N CYS C 222 -20.04 -16.72 28.15
CA CYS C 222 -21.40 -16.22 28.34
C CYS C 222 -21.26 -14.80 28.90
N LEU C 223 -21.15 -13.82 28.00
CA LEU C 223 -20.92 -12.43 28.37
C LEU C 223 -22.27 -11.77 28.65
N ASN C 224 -22.44 -11.29 29.87
CA ASN C 224 -23.66 -10.58 30.29
C ASN C 224 -24.91 -11.37 29.91
N GLY C 225 -24.83 -12.68 30.07
CA GLY C 225 -25.95 -13.55 29.70
C GLY C 225 -25.92 -14.09 28.29
N THR C 226 -25.59 -13.25 27.32
CA THR C 226 -25.63 -13.68 25.93
C THR C 226 -24.33 -14.39 25.56
N PRO C 227 -24.38 -15.42 24.72
CA PRO C 227 -23.15 -16.08 24.30
C PRO C 227 -22.29 -15.17 23.44
N ALA C 228 -20.98 -15.39 23.51
CA ALA C 228 -20.03 -14.59 22.75
C ALA C 228 -18.77 -15.41 22.52
N LEU C 229 -17.99 -15.00 21.52
CA LEU C 229 -16.73 -15.63 21.19
C LEU C 229 -15.60 -14.66 21.46
N ALA C 230 -14.67 -15.05 22.33
CA ALA C 230 -13.59 -14.17 22.74
C ALA C 230 -12.26 -14.89 22.68
N TYR C 231 -11.21 -14.14 22.38
CA TYR C 231 -9.86 -14.69 22.45
C TYR C 231 -8.85 -13.56 22.54
N LEU C 232 -7.66 -13.91 23.03
CA LEU C 232 -6.58 -12.97 23.24
C LEU C 232 -5.44 -13.22 22.27
N ALA C 233 -4.86 -12.14 21.75
CA ALA C 233 -3.78 -12.23 20.75
C ALA C 233 -2.56 -11.53 21.31
N SER C 234 -1.35 -12.03 21.01
CA SER C 234 -0.17 -11.41 21.66
C SER C 234 1.00 -11.15 20.70
N ALA C 235 1.78 -10.10 20.94
CA ALA C 235 3.01 -9.81 20.17
C ALA C 235 4.19 -9.95 21.13
N PRO C 236 5.48 -10.05 20.74
CA PRO C 236 5.91 -10.24 19.36
C PRO C 236 5.94 -11.70 18.95
N PRO C 237 6.03 -12.00 17.65
CA PRO C 237 6.04 -13.40 17.19
C PRO C 237 7.02 -14.34 17.89
N PRO C 238 8.26 -13.93 18.28
CA PRO C 238 9.16 -14.78 19.04
C PRO C 238 8.57 -15.38 20.33
N LEU C 239 7.79 -14.60 21.08
CA LEU C 239 7.24 -15.05 22.39
C LEU C 239 5.92 -15.81 22.25
N CYS C 240 5.36 -15.93 21.04
CA CYS C 240 4.01 -16.53 20.88
C CYS C 240 4.11 -18.04 20.72
N PRO C 241 3.41 -18.84 21.56
CA PRO C 241 3.39 -20.30 21.43
C PRO C 241 2.64 -20.72 20.18
N SER C 242 2.52 -22.03 19.96
CA SER C 242 1.85 -22.52 18.75
C SER C 242 0.40 -22.07 18.71
N GLY C 243 -0.32 -22.20 19.83
CA GLY C 243 -1.73 -21.87 19.84
C GLY C 243 -2.02 -20.39 19.68
N ARG C 244 -1.20 -19.55 20.33
CA ARG C 244 -1.50 -18.13 20.40
C ARG C 244 -1.50 -17.49 19.00
N THR C 245 -2.52 -16.68 18.74
CA THR C 245 -2.69 -15.97 17.48
C THR C 245 -1.98 -14.62 17.55
N PRO C 246 -1.16 -14.28 16.56
CA PRO C 246 -0.45 -13.00 16.59
C PRO C 246 -1.42 -11.82 16.58
N ASP C 247 -1.01 -10.74 17.24
CA ASP C 247 -1.86 -9.56 17.35
C ASP C 247 -2.14 -8.95 15.98
N LEU C 248 -1.13 -8.90 15.12
CA LEU C 248 -1.33 -8.35 13.78
C LEU C 248 -2.31 -9.19 12.98
N LYS C 249 -2.22 -10.51 13.10
CA LYS C 249 -3.15 -11.38 12.39
C LYS C 249 -4.58 -11.16 12.84
N ALA C 250 -4.80 -11.03 14.15
CA ALA C 250 -6.14 -10.77 14.65
C ALA C 250 -6.66 -9.41 14.20
N LEU C 251 -5.81 -8.39 14.25
CA LEU C 251 -6.20 -7.06 13.78
C LEU C 251 -6.60 -7.10 12.31
N LEU C 252 -5.80 -7.76 11.49
CA LEU C 252 -6.08 -7.82 10.07
C LEU C 252 -7.33 -8.63 9.78
N ASN C 253 -7.57 -9.69 10.55
CA ASN C 253 -8.80 -10.46 10.36
C ASN C 253 -10.03 -9.63 10.72
N VAL C 254 -9.95 -8.85 11.79
CA VAL C 254 -11.06 -7.98 12.15
C VAL C 254 -11.29 -6.95 11.06
N VAL C 255 -10.22 -6.38 10.51
CA VAL C 255 -10.36 -5.41 9.43
C VAL C 255 -10.98 -6.05 8.20
N ASP C 256 -10.53 -7.26 7.85
CA ASP C 256 -11.00 -7.92 6.64
C ASP C 256 -12.47 -8.34 6.76
N ASN C 257 -12.88 -8.81 7.93
CA ASN C 257 -14.23 -9.34 8.08
C ASN C 257 -15.30 -8.27 8.13
N ALA C 258 -14.94 -7.00 8.26
CA ALA C 258 -15.92 -5.95 8.36
C ALA C 258 -16.65 -5.76 7.03
N ARG C 259 -17.93 -5.40 7.11
CA ARG C 259 -18.75 -5.18 5.93
C ARG C 259 -19.48 -3.85 5.90
N SER C 260 -19.67 -3.20 7.05
CA SER C 260 -20.41 -1.95 7.10
C SER C 260 -19.54 -0.77 7.49
N PHE C 261 -18.83 -0.84 8.62
CA PHE C 261 -17.99 0.26 9.04
C PHE C 261 -16.80 -0.28 9.82
N ILE C 262 -15.77 0.56 9.92
CA ILE C 262 -14.59 0.29 10.75
C ILE C 262 -14.27 1.56 11.50
N TYR C 263 -14.40 1.54 12.82
CA TYR C 263 -14.04 2.67 13.66
C TYR C 263 -12.76 2.31 14.39
N VAL C 264 -11.74 3.14 14.27
CA VAL C 264 -10.48 2.91 14.96
C VAL C 264 -10.09 4.17 15.72
N ALA C 265 -9.76 4.00 16.99
CA ALA C 265 -9.23 5.08 17.82
C ALA C 265 -7.88 4.61 18.37
N VAL C 266 -6.80 5.11 17.79
CA VAL C 266 -5.45 4.71 18.19
C VAL C 266 -4.64 5.97 18.42
N MET C 267 -3.64 5.85 19.29
CA MET C 267 -2.85 7.02 19.68
C MET C 267 -1.85 7.40 18.60
N ASN C 268 -1.20 6.41 17.98
CA ASN C 268 -0.21 6.63 16.95
C ASN C 268 -0.43 5.67 15.80
N TYR C 269 -0.52 6.20 14.58
CA TYR C 269 -0.65 5.38 13.38
C TYR C 269 0.48 5.74 12.43
N LEU C 270 1.42 4.82 12.27
CA LEU C 270 2.56 5.03 11.40
C LEU C 270 2.87 3.75 10.65
N PRO C 271 2.61 3.75 9.30
CA PRO C 271 2.88 2.61 8.43
C PRO C 271 4.33 2.33 8.19
N THR C 272 5.12 2.24 9.25
CA THR C 272 6.56 2.09 9.09
C THR C 272 7.12 1.34 10.25
N LEU C 273 8.22 0.63 10.08
CA LEU C 273 8.92 0.05 11.25
C LEU C 273 9.85 1.20 11.62
N GLU C 274 9.36 2.15 12.44
CA GLU C 274 10.11 3.40 12.72
C GLU C 274 11.20 3.23 13.76
N PHE C 275 11.79 4.35 14.20
CA PHE C 275 12.94 4.27 15.14
C PHE C 275 13.72 3.03 14.76
N SER C 276 13.99 2.89 13.45
CA SER C 276 14.77 1.74 12.98
C SER C 276 15.59 2.15 11.76
N HIS C 277 16.33 3.25 11.88
CA HIS C 277 17.05 3.83 10.76
C HIS C 277 17.91 2.78 10.07
N PRO C 278 17.91 2.70 8.74
CA PRO C 278 17.20 3.58 7.78
C PRO C 278 15.70 3.35 7.74
N HIS C 279 14.93 4.30 7.21
CA HIS C 279 13.48 4.17 7.20
C HIS C 279 13.05 2.89 6.48
N ARG C 280 12.10 2.20 7.11
CA ARG C 280 11.57 0.93 6.54
C ARG C 280 10.05 1.08 6.38
N PHE C 281 9.50 0.59 5.27
CA PHE C 281 8.08 0.70 4.99
C PHE C 281 7.34 -0.54 5.47
N TRP C 282 6.21 -0.32 6.14
CA TRP C 282 5.41 -1.40 6.73
C TRP C 282 3.95 -1.20 6.34
N PRO C 283 3.50 -1.56 5.12
CA PRO C 283 2.13 -1.27 4.72
C PRO C 283 1.12 -2.36 5.05
N ALA C 284 1.30 -3.04 6.18
CA ALA C 284 0.41 -4.17 6.53
C ALA C 284 -1.01 -3.68 6.83
N ILE C 285 -1.15 -2.79 7.82
CA ILE C 285 -2.51 -2.31 8.23
C ILE C 285 -3.04 -1.34 7.16
N ASP C 286 -2.16 -0.51 6.58
CA ASP C 286 -2.61 0.50 5.59
C ASP C 286 -3.36 -0.20 4.45
N ASP C 287 -2.76 -1.25 3.88
CA ASP C 287 -3.40 -1.96 2.73
C ASP C 287 -4.73 -2.54 3.17
N GLY C 288 -4.79 -3.10 4.39
CA GLY C 288 -6.04 -3.70 4.90
C GLY C 288 -7.16 -2.67 4.92
N LEU C 289 -6.87 -1.47 5.42
CA LEU C 289 -7.89 -0.39 5.48
C LEU C 289 -8.29 0.00 4.04
N ARG C 290 -7.31 0.14 3.15
CA ARG C 290 -7.59 0.52 1.75
C ARG C 290 -8.45 -0.57 1.09
N ARG C 291 -8.04 -1.83 1.22
CA ARG C 291 -8.87 -2.91 0.67
C ARG C 291 -10.28 -2.86 1.23
N ALA C 292 -10.40 -2.65 2.54
CA ALA C 292 -11.74 -2.62 3.15
C ALA C 292 -12.56 -1.46 2.59
N THR C 293 -11.95 -0.30 2.42
CA THR C 293 -12.72 0.86 1.96
C THR C 293 -12.92 0.90 0.45
N TYR C 294 -12.17 0.11 -0.33
CA TYR C 294 -12.32 0.14 -1.77
C TYR C 294 -13.04 -1.09 -2.31
N GLU C 295 -12.58 -2.30 -1.98
CA GLU C 295 -13.24 -3.50 -2.46
C GLU C 295 -14.66 -3.60 -1.93
N ARG C 296 -14.87 -3.22 -0.68
CA ARG C 296 -16.17 -3.25 -0.04
C ARG C 296 -16.56 -1.83 0.37
N GLY C 297 -17.86 -1.62 0.54
CA GLY C 297 -18.36 -0.30 0.87
C GLY C 297 -18.22 0.04 2.34
N VAL C 298 -17.09 -0.31 2.92
CA VAL C 298 -16.86 -0.09 4.34
C VAL C 298 -16.56 1.38 4.59
N LYS C 299 -17.26 1.98 5.53
CA LYS C 299 -16.99 3.34 5.97
C LYS C 299 -15.94 3.28 7.09
N VAL C 300 -14.74 3.77 6.80
CA VAL C 300 -13.63 3.69 7.74
C VAL C 300 -13.43 5.05 8.36
N ARG C 301 -13.40 5.10 9.70
CA ARG C 301 -13.18 6.33 10.44
C ARG C 301 -11.89 6.18 11.24
N LEU C 302 -10.97 7.11 11.07
CA LEU C 302 -9.68 7.11 11.73
C LEU C 302 -9.67 8.22 12.79
N LEU C 303 -9.35 7.86 14.02
CA LEU C 303 -9.25 8.83 15.11
C LEU C 303 -7.87 8.71 15.74
N ILE C 304 -6.96 9.58 15.32
CA ILE C 304 -5.60 9.62 15.85
C ILE C 304 -5.53 10.72 16.88
N SER C 305 -4.56 10.60 17.80
CA SER C 305 -4.38 11.62 18.85
C SER C 305 -3.09 12.39 18.57
N CYS C 306 -3.12 13.72 18.76
CA CYS C 306 -1.93 14.55 18.44
C CYS C 306 -1.41 15.22 19.72
N TRP C 307 -0.14 15.02 20.04
CA TRP C 307 0.47 15.70 21.22
C TRP C 307 1.86 16.19 20.86
N GLY C 308 2.55 16.83 21.80
CA GLY C 308 3.89 17.39 21.51
C GLY C 308 4.88 16.32 21.08
N HIS C 309 4.68 15.07 21.51
CA HIS C 309 5.65 13.99 21.20
C HIS C 309 5.20 13.17 20.00
N SER C 310 4.24 13.70 19.22
CA SER C 310 3.74 12.98 18.02
C SER C 310 4.71 13.19 16.84
N GLU C 311 5.15 12.11 16.21
CA GLU C 311 6.11 12.23 15.11
C GLU C 311 5.46 12.97 13.94
N PRO C 312 6.05 14.06 13.46
CA PRO C 312 5.42 14.80 12.36
C PRO C 312 5.29 14.00 11.07
N SER C 313 6.18 13.04 10.82
CA SER C 313 6.13 12.26 9.60
C SER C 313 4.85 11.45 9.49
N MET C 314 4.11 11.30 10.58
CA MET C 314 2.80 10.66 10.51
C MET C 314 1.83 11.44 9.63
N ARG C 315 1.84 12.77 9.71
CA ARG C 315 0.81 13.56 9.04
C ARG C 315 0.68 13.20 7.57
N ALA C 316 1.80 13.18 6.85
CA ALA C 316 1.76 12.86 5.43
C ALA C 316 1.03 11.54 5.19
N PHE C 317 1.39 10.49 5.93
CA PHE C 317 0.75 9.21 5.73
C PHE C 317 -0.75 9.32 5.94
N LEU C 318 -1.17 10.05 6.98
CA LEU C 318 -2.60 10.21 7.21
C LEU C 318 -3.28 10.88 6.03
N LEU C 319 -2.64 11.91 5.47
CA LEU C 319 -3.20 12.55 4.29
C LEU C 319 -3.31 11.55 3.15
N SER C 320 -2.31 10.68 2.99
CA SER C 320 -2.38 9.67 1.95
C SER C 320 -3.61 8.79 2.11
N LEU C 321 -4.04 8.56 3.35
CA LEU C 321 -5.25 7.80 3.56
C LEU C 321 -6.49 8.65 3.27
N ALA C 322 -6.46 9.92 3.65
CA ALA C 322 -7.64 10.77 3.51
C ALA C 322 -7.95 11.13 2.08
N ALA C 323 -7.03 10.86 1.14
CA ALA C 323 -7.29 11.17 -0.26
C ALA C 323 -8.21 10.16 -0.91
N LEU C 324 -8.36 8.97 -0.33
CA LEU C 324 -9.24 7.94 -0.88
C LEU C 324 -10.68 8.21 -0.43
N ARG C 325 -11.26 9.29 -0.95
CA ARG C 325 -12.67 9.60 -0.61
C ARG C 325 -13.37 10.17 -1.85
N ASP C 326 -13.72 9.30 -2.80
CA ASP C 326 -14.39 9.75 -4.05
C ASP C 326 -15.66 8.92 -4.27
N ASN C 327 -16.70 9.53 -4.83
CA ASN C 327 -17.95 8.79 -5.13
C ASN C 327 -17.61 7.65 -6.09
N HIS C 328 -16.81 7.92 -7.12
CA HIS C 328 -16.47 6.89 -8.12
C HIS C 328 -15.84 5.68 -7.41
N THR C 329 -14.99 5.95 -6.43
CA THR C 329 -14.28 4.85 -5.72
C THR C 329 -15.16 4.33 -4.60
N HIS C 330 -16.37 4.87 -4.44
CA HIS C 330 -17.23 4.48 -3.32
C HIS C 330 -16.40 4.26 -2.05
N SER C 331 -15.42 5.11 -1.82
CA SER C 331 -14.56 5.04 -0.66
C SER C 331 -14.95 6.13 0.33
N ASP C 332 -14.92 5.81 1.62
CA ASP C 332 -15.35 6.72 2.67
C ASP C 332 -14.35 6.74 3.82
N ILE C 333 -13.06 6.88 3.50
CA ILE C 333 -12.04 7.05 4.52
C ILE C 333 -12.17 8.45 5.10
N GLN C 334 -12.22 8.55 6.43
CA GLN C 334 -12.15 9.83 7.12
C GLN C 334 -11.13 9.74 8.24
N VAL C 335 -10.39 10.83 8.44
CA VAL C 335 -9.35 10.89 9.46
C VAL C 335 -9.58 12.13 10.30
N LYS C 336 -9.47 11.98 11.62
CA LYS C 336 -9.60 13.10 12.54
C LYS C 336 -8.57 12.96 13.65
N LEU C 337 -8.15 14.10 14.19
CA LEU C 337 -7.16 14.16 15.26
C LEU C 337 -7.85 14.56 16.56
N PHE C 338 -7.67 13.75 17.59
CA PHE C 338 -8.24 14.02 18.91
C PHE C 338 -7.14 14.62 19.78
N VAL C 339 -7.29 15.90 20.11
CA VAL C 339 -6.28 16.62 20.90
C VAL C 339 -6.92 17.05 22.21
N VAL C 340 -6.34 16.60 23.31
CA VAL C 340 -6.78 17.00 24.65
C VAL C 340 -6.20 18.37 24.97
N PRO C 341 -7.03 19.37 25.26
CA PRO C 341 -6.49 20.70 25.58
C PRO C 341 -5.69 20.68 26.87
N ALA C 342 -4.72 21.58 26.95
CA ALA C 342 -3.88 21.73 28.13
C ALA C 342 -3.66 23.20 28.41
N ASP C 343 -4.00 23.62 29.62
CA ASP C 343 -3.79 25.00 30.03
C ASP C 343 -2.34 25.19 30.46
N GLU C 344 -2.03 26.36 31.04
CA GLU C 344 -0.66 26.64 31.44
C GLU C 344 -0.20 25.68 32.54
N ALA C 345 -1.06 25.41 33.52
CA ALA C 345 -0.66 24.54 34.62
C ALA C 345 -0.41 23.11 34.16
N GLN C 346 -1.28 22.58 33.30
CA GLN C 346 -1.11 21.21 32.84
C GLN C 346 -0.02 21.06 31.80
N ALA C 347 0.40 22.15 31.16
CA ALA C 347 1.47 22.06 30.18
C ALA C 347 2.81 21.74 30.85
N ARG C 348 2.92 22.00 32.15
CA ARG C 348 4.21 21.78 32.85
C ARG C 348 4.43 20.28 33.10
N ILE C 349 3.34 19.51 33.20
CA ILE C 349 3.44 18.08 33.48
C ILE C 349 3.97 17.36 32.25
N PRO C 350 5.05 16.59 32.36
CA PRO C 350 5.60 15.91 31.18
C PRO C 350 4.84 14.64 30.85
N TYR C 351 4.57 14.45 29.55
CA TYR C 351 3.86 13.28 29.05
C TYR C 351 2.48 13.15 29.68
N ALA C 352 1.71 14.25 29.64
CA ALA C 352 0.51 14.35 30.46
C ALA C 352 -0.77 14.39 29.65
N ARG C 353 -0.92 15.33 28.72
CA ARG C 353 -2.21 15.61 28.10
C ARG C 353 -2.25 14.96 26.72
N VAL C 354 -2.90 13.80 26.64
CA VAL C 354 -2.97 13.04 25.39
C VAL C 354 -4.12 12.05 25.50
N ASN C 355 -4.62 11.59 24.37
CA ASN C 355 -5.60 10.52 24.31
C ASN C 355 -4.88 9.24 23.91
N ALA C 356 -4.82 8.28 24.83
CA ALA C 356 -4.02 7.07 24.63
C ALA C 356 -4.87 5.84 24.36
N ASN C 357 -6.12 6.01 23.94
CA ASN C 357 -6.96 4.85 23.67
C ASN C 357 -6.49 4.15 22.40
N LYS C 358 -6.57 2.82 22.41
CA LYS C 358 -6.23 1.99 21.26
C LYS C 358 -7.28 0.90 21.14
N TYR C 359 -8.21 1.06 20.21
CA TYR C 359 -9.25 0.06 20.00
C TYR C 359 -9.83 0.22 18.59
N MET C 360 -10.55 -0.81 18.16
CA MET C 360 -11.23 -0.79 16.88
C MET C 360 -12.54 -1.56 17.00
N VAL C 361 -13.62 -0.95 16.58
CA VAL C 361 -14.95 -1.56 16.62
C VAL C 361 -15.52 -1.58 15.20
N THR C 362 -15.99 -2.75 14.78
CA THR C 362 -16.73 -2.90 13.53
C THR C 362 -18.18 -3.20 13.87
N GLU C 363 -18.97 -3.47 12.83
CA GLU C 363 -20.37 -3.80 13.04
C GLU C 363 -20.57 -5.19 13.61
N ARG C 364 -19.51 -6.01 13.72
CA ARG C 364 -19.67 -7.36 14.23
C ARG C 364 -18.55 -7.82 15.16
N ALA C 365 -17.61 -6.94 15.47
CA ALA C 365 -16.47 -7.33 16.34
C ALA C 365 -15.85 -6.12 17.04
N THR C 366 -15.21 -6.37 18.19
CA THR C 366 -14.52 -5.30 18.95
C THR C 366 -13.09 -5.72 19.18
N TYR C 367 -12.15 -4.78 19.06
CA TYR C 367 -10.72 -5.09 19.29
C TYR C 367 -10.24 -4.11 20.34
N ILE C 368 -9.73 -4.61 21.46
CA ILE C 368 -9.15 -3.69 22.44
C ILE C 368 -7.71 -4.09 22.67
N GLY C 369 -6.78 -3.17 22.38
CA GLY C 369 -5.36 -3.48 22.41
C GLY C 369 -4.61 -2.55 23.34
N THR C 370 -3.34 -2.87 23.52
CA THR C 370 -2.45 -2.12 24.41
C THR C 370 -1.30 -1.44 23.68
N SER C 371 -1.19 -1.62 22.36
CA SER C 371 -0.07 -1.09 21.60
C SER C 371 -0.58 -0.26 20.44
N ASN C 372 0.17 0.80 20.13
CA ASN C 372 -0.17 1.66 19.00
C ASN C 372 0.03 0.89 17.69
N TRP C 373 -0.29 1.55 16.59
CA TRP C 373 -0.28 0.90 15.28
C TRP C 373 0.96 1.33 14.51
N SER C 374 2.05 0.59 14.72
CA SER C 374 3.30 0.81 14.01
C SER C 374 4.03 -0.53 13.95
N GLY C 375 5.06 -0.58 13.10
CA GLY C 375 5.75 -1.84 12.88
C GLY C 375 6.40 -2.40 14.13
N ASN C 376 6.92 -1.53 14.99
CA ASN C 376 7.61 -1.99 16.18
C ASN C 376 6.67 -2.74 17.12
N TYR C 377 5.45 -2.23 17.29
CA TYR C 377 4.53 -2.83 18.25
C TYR C 377 4.06 -4.21 17.82
N PHE C 378 4.23 -4.58 16.55
CA PHE C 378 3.77 -5.86 16.06
C PHE C 378 4.90 -6.79 15.63
N THR C 379 6.12 -6.28 15.47
CA THR C 379 7.27 -7.11 15.16
C THR C 379 8.20 -7.33 16.34
N GLU C 380 8.47 -6.29 17.13
CA GLU C 380 9.38 -6.38 18.25
C GLU C 380 8.72 -6.12 19.59
N THR C 381 8.03 -5.00 19.74
CA THR C 381 7.48 -4.63 21.04
C THR C 381 6.37 -5.59 21.44
N ALA C 382 6.39 -5.99 22.71
CA ALA C 382 5.38 -6.90 23.23
C ALA C 382 4.04 -6.19 23.38
N GLY C 383 2.97 -6.92 23.10
CA GLY C 383 1.64 -6.36 23.22
C GLY C 383 0.61 -7.45 23.29
N THR C 384 -0.57 -7.09 23.81
CA THR C 384 -1.67 -8.03 23.97
C THR C 384 -2.96 -7.34 23.59
N SER C 385 -3.92 -8.12 23.10
CA SER C 385 -5.20 -7.56 22.70
C SER C 385 -6.30 -8.59 22.93
N LEU C 386 -7.52 -8.07 23.10
CA LEU C 386 -8.71 -8.87 23.33
C LEU C 386 -9.69 -8.66 22.19
N LEU C 387 -10.19 -9.76 21.63
CA LEU C 387 -11.13 -9.73 20.52
C LEU C 387 -12.40 -10.43 20.96
N VAL C 388 -13.54 -9.74 20.82
CA VAL C 388 -14.83 -10.25 21.25
C VAL C 388 -15.83 -10.04 20.13
N THR C 389 -16.48 -11.12 19.70
CA THR C 389 -17.57 -11.08 18.74
C THR C 389 -18.83 -11.58 19.43
N GLN C 390 -19.87 -10.74 19.46
CA GLN C 390 -21.12 -11.06 20.12
C GLN C 390 -22.26 -10.93 19.12
N ASN C 391 -23.01 -12.01 18.94
CA ASN C 391 -24.13 -11.99 18.02
C ASN C 391 -25.29 -11.20 18.61
N GLY C 392 -26.01 -10.49 17.75
CA GLY C 392 -27.16 -9.72 18.17
C GLY C 392 -26.81 -8.27 18.47
N ARG C 393 -27.84 -7.43 18.47
CA ARG C 393 -27.65 -6.01 18.74
C ARG C 393 -27.31 -5.79 20.21
N GLY C 394 -26.70 -4.64 20.48
CA GLY C 394 -26.31 -4.30 21.83
C GLY C 394 -25.08 -5.05 22.29
N GLY C 395 -24.75 -4.85 23.57
CA GLY C 395 -23.64 -5.53 24.18
C GLY C 395 -22.41 -4.65 24.32
N LEU C 396 -21.27 -5.32 24.47
CA LEU C 396 -20.00 -4.62 24.61
C LEU C 396 -19.68 -3.80 23.36
N ARG C 397 -19.96 -4.37 22.19
CA ARG C 397 -19.68 -3.68 20.94
C ARG C 397 -20.45 -2.37 20.85
N SER C 398 -21.72 -2.38 21.27
CA SER C 398 -22.53 -1.17 21.20
C SER C 398 -21.97 -0.09 22.11
N GLN C 399 -21.55 -0.45 23.32
CA GLN C 399 -20.98 0.54 24.24
C GLN C 399 -19.68 1.11 23.69
N LEU C 400 -18.83 0.26 23.13
CA LEU C 400 -17.59 0.75 22.54
C LEU C 400 -17.88 1.68 21.36
N GLU C 401 -18.86 1.32 20.54
CA GLU C 401 -19.22 2.17 19.40
C GLU C 401 -19.76 3.51 19.87
N ALA C 402 -20.57 3.51 20.94
CA ALA C 402 -21.08 4.76 21.48
C ALA C 402 -19.94 5.63 22.03
N ILE C 403 -18.96 5.00 22.68
CA ILE C 403 -17.80 5.73 23.16
C ILE C 403 -17.06 6.38 21.99
N PHE C 404 -16.83 5.60 20.93
CA PHE C 404 -16.13 6.14 19.77
C PHE C 404 -16.90 7.28 19.12
N LEU C 405 -18.23 7.15 19.02
CA LEU C 405 -19.02 8.21 18.41
C LEU C 405 -19.06 9.46 19.28
N ARG C 406 -19.03 9.28 20.60
CA ARG C 406 -18.91 10.44 21.48
C ARG C 406 -17.58 11.15 21.28
N ASP C 407 -16.50 10.38 21.16
CA ASP C 407 -15.20 11.00 20.90
C ASP C 407 -15.17 11.68 19.53
N TRP C 408 -15.74 11.05 18.51
CA TRP C 408 -15.63 11.54 17.15
C TRP C 408 -16.36 12.87 16.97
N ASP C 409 -17.53 13.02 17.58
CA ASP C 409 -18.32 14.23 17.47
C ASP C 409 -17.94 15.29 18.50
N SER C 410 -16.93 15.02 19.32
CA SER C 410 -16.54 15.96 20.35
C SER C 410 -15.91 17.21 19.73
N PRO C 411 -15.91 18.32 20.46
CA PRO C 411 -15.15 19.50 20.00
C PRO C 411 -13.64 19.32 20.08
N TYR C 412 -13.16 18.18 20.56
CA TYR C 412 -11.74 17.92 20.69
C TYR C 412 -11.17 17.14 19.52
N SER C 413 -11.98 16.84 18.51
CA SER C 413 -11.52 16.14 17.31
C SER C 413 -11.65 17.08 16.13
N HIS C 414 -10.57 17.20 15.35
CA HIS C 414 -10.50 18.16 14.26
C HIS C 414 -10.00 17.49 13.00
N ASP C 415 -10.34 18.08 11.86
CA ASP C 415 -9.86 17.57 10.58
C ASP C 415 -8.39 17.93 10.40
N LEU C 416 -7.74 17.20 9.49
CA LEU C 416 -6.30 17.38 9.28
C LEU C 416 -5.92 18.73 8.72
N ASP C 417 -6.89 19.50 8.20
CA ASP C 417 -6.61 20.83 7.67
C ASP C 417 -6.79 21.93 8.71
N THR C 418 -7.11 21.58 9.95
CA THR C 418 -7.33 22.57 10.98
C THR C 418 -6.03 23.31 11.30
N SER C 419 -6.13 24.61 11.51
CA SER C 419 -4.98 25.41 11.90
C SER C 419 -4.56 25.02 13.32
N ALA C 420 -3.25 24.88 13.52
CA ALA C 420 -2.73 24.40 14.80
C ALA C 420 -2.96 25.38 15.95
N ASP C 421 -3.29 26.63 15.65
CA ASP C 421 -3.49 27.61 16.72
C ASP C 421 -4.80 27.40 17.46
N SER C 422 -5.87 27.07 16.72
CA SER C 422 -7.17 26.92 17.35
C SER C 422 -7.21 25.74 18.31
N VAL C 423 -6.35 24.74 18.09
CA VAL C 423 -6.30 23.58 18.97
C VAL C 423 -5.75 23.99 20.33
N GLY C 424 -6.30 23.40 21.40
CA GLY C 424 -5.89 23.78 22.74
C GLY C 424 -4.44 23.42 23.05
N ASN C 425 -4.02 22.22 22.68
CA ASN C 425 -2.68 21.75 23.00
C ASN C 425 -1.72 22.10 21.87
N ALA C 426 -0.51 21.56 21.92
CA ALA C 426 0.48 21.76 20.88
C ALA C 426 0.47 20.53 19.96
N CYS C 427 0.16 20.75 18.69
CA CYS C 427 0.02 19.68 17.72
C CYS C 427 1.10 19.81 16.67
N ARG C 428 1.86 18.73 16.46
CA ARG C 428 2.88 18.69 15.42
C ARG C 428 2.34 18.21 14.09
N LEU C 429 1.10 17.74 14.03
CA LEU C 429 0.50 17.24 12.80
C LEU C 429 -0.39 18.27 12.11
N LEU C 430 -0.45 19.50 12.62
CA LEU C 430 -1.29 20.54 12.06
C LEU C 430 -0.43 21.72 11.64
N LEU C 431 -0.64 22.19 10.41
CA LEU C 431 0.13 23.30 9.88
C LEU C 431 -0.43 24.62 10.38
N GLU C 432 0.47 25.52 10.75
CA GLU C 432 0.05 26.84 11.22
C GLU C 432 -0.62 27.62 10.09
N VAL C 433 -1.65 28.38 10.46
CA VAL C 433 -2.51 29.14 9.53
C VAL C 433 -2.72 28.43 8.19
C1 NAG E . -12.85 4.86 -48.71
C2 NAG E . -12.76 3.87 -49.87
C3 NAG E . -14.15 3.54 -50.40
C4 NAG E . -14.91 4.81 -50.79
C5 NAG E . -14.88 5.88 -49.70
C6 NAG E . -15.87 5.62 -48.58
C7 NAG E . -10.69 3.91 -51.19
C8 NAG E . -9.96 4.56 -52.32
N2 NAG E . -11.91 4.39 -50.93
O3 NAG E . -14.88 2.81 -49.42
O4 NAG E . -14.36 5.36 -51.99
O5 NAG E . -13.58 6.05 -49.12
O6 NAG E . -16.13 6.80 -47.84
O7 NAG E . -10.21 2.99 -50.53
C1 NAG E . -14.48 4.47 -53.10
C2 NAG E . -15.59 4.94 -54.03
C3 NAG E . -15.68 4.05 -55.27
C4 NAG E . -14.32 3.95 -55.95
C5 NAG E . -13.26 3.49 -54.94
C6 NAG E . -11.86 3.48 -55.51
C7 NAG E . -17.52 6.12 -53.06
C8 NAG E . -16.85 7.39 -53.50
N2 NAG E . -16.88 4.98 -53.35
O3 NAG E . -16.64 4.58 -56.18
O4 NAG E . -14.37 3.01 -57.02
O5 NAG E . -13.25 4.39 -53.82
O6 NAG E . -11.46 4.79 -55.92
O7 NAG E . -18.60 6.13 -52.48
C1 NAG F . 22.57 -1.84 -39.97
C2 NAG F . 22.74 -0.32 -40.02
C3 NAG F . 22.83 0.18 -41.46
C4 NAG F . 23.90 -0.60 -42.23
C5 NAG F . 23.64 -2.09 -42.10
C6 NAG F . 24.71 -2.93 -42.77
C7 NAG F . 21.72 1.61 -38.91
C8 NAG F . 20.50 2.14 -38.21
N2 NAG F . 21.67 0.34 -39.32
O3 NAG F . 23.14 1.56 -41.48
O4 NAG F . 23.86 -0.24 -43.60
O5 NAG F . 23.62 -2.47 -40.72
O6 NAG F . 25.87 -3.01 -41.97
O7 NAG F . 22.71 2.32 -39.10
C1 NAG F . 25.03 0.56 -43.92
C2 NAG F . 25.33 0.37 -45.41
C3 NAG F . 26.52 1.23 -45.81
C4 NAG F . 26.29 2.68 -45.43
C5 NAG F . 25.94 2.78 -43.95
C6 NAG F . 25.58 4.18 -43.51
C7 NAG F . 24.66 -1.81 -46.29
C8 NAG F . 25.08 -3.23 -46.55
N2 NAG F . 25.57 -1.03 -45.72
O3 NAG F . 26.73 1.11 -47.22
O4 NAG F . 27.45 3.46 -45.71
O5 NAG F . 24.81 1.94 -43.65
O6 NAG F . 24.51 4.70 -44.29
O7 NAG F . 23.54 -1.40 -46.60
C1 BMA F . 27.19 4.28 -46.86
C2 BMA F . 27.92 5.63 -46.67
C3 BMA F . 27.81 6.47 -47.94
C4 BMA F . 28.20 5.66 -49.19
C5 BMA F . 27.39 4.37 -49.25
C6 BMA F . 27.75 3.49 -50.43
O2 BMA F . 29.31 5.44 -46.44
O3 BMA F . 28.59 7.65 -47.87
O4 BMA F . 27.95 6.43 -50.37
O5 BMA F . 27.64 3.62 -48.05
O6 BMA F . 26.85 2.39 -50.47
C1 NAG G . 22.86 5.02 -31.66
C2 NAG G . 22.47 6.45 -31.28
C3 NAG G . 21.22 6.87 -32.03
C4 NAG G . 21.42 6.69 -33.53
C5 NAG G . 21.84 5.24 -33.82
C6 NAG G . 22.18 5.01 -35.27
C7 NAG G . 23.09 7.31 -29.08
C8 NAG G . 22.76 7.35 -27.61
N2 NAG G . 22.28 6.58 -29.85
O3 NAG G . 20.93 8.24 -31.74
O4 NAG G . 20.22 6.97 -34.23
O5 NAG G . 23.02 4.92 -33.07
O6 NAG G . 22.71 6.19 -35.88
O7 NAG G . 24.07 7.90 -29.53
C1 NAG G . 20.35 8.27 -34.85
C2 NAG G . 19.39 8.34 -36.04
C3 NAG G . 19.46 9.73 -36.68
C4 NAG G . 19.24 10.82 -35.63
C5 NAG G . 20.19 10.62 -34.45
C6 NAG G . 19.94 11.58 -33.31
C7 NAG G . 18.75 6.71 -37.75
C8 NAG G . 19.24 5.67 -38.72
N2 NAG G . 19.69 7.31 -37.02
O3 NAG G . 18.48 9.83 -37.70
O4 NAG G . 19.48 12.09 -36.22
O5 NAG G . 20.05 9.29 -33.92
O6 NAG G . 18.74 11.23 -32.62
O7 NAG G . 17.56 7.00 -37.64
C1 BMA G . 18.30 12.91 -36.10
C2 BMA G . 18.72 14.37 -36.39
C3 BMA G . 17.49 15.27 -36.35
C4 BMA G . 16.35 14.71 -37.22
C5 BMA G . 16.06 13.25 -36.84
C6 BMA G . 15.00 12.62 -37.72
O2 BMA G . 19.25 14.47 -37.71
O3 BMA G . 17.81 16.61 -36.74
O4 BMA G . 15.17 15.48 -37.03
O5 BMA G . 17.27 12.50 -36.99
O6 BMA G . 15.62 12.16 -38.92
C1 MAN G . 17.23 17.53 -35.79
C2 MAN G . 17.29 18.95 -36.43
C3 MAN G . 18.73 19.44 -36.47
C4 MAN G . 19.38 19.35 -35.09
C5 MAN G . 19.29 17.92 -34.56
C6 MAN G . 19.82 17.77 -33.15
O2 MAN G . 16.59 19.90 -35.62
O3 MAN G . 18.82 20.76 -36.98
O4 MAN G . 20.74 19.75 -35.16
O5 MAN G . 17.92 17.49 -34.54
O6 MAN G . 19.82 16.39 -32.80
C1 MAN G . 14.94 12.75 -40.05
C2 MAN G . 15.65 12.24 -41.32
C3 MAN G . 15.81 13.36 -42.32
C4 MAN G . 14.54 14.20 -42.38
C5 MAN G . 14.33 14.91 -41.03
C6 MAN G . 12.86 15.10 -40.67
O2 MAN G . 14.87 11.24 -41.98
O3 MAN G . 16.13 12.87 -43.62
O4 MAN G . 14.65 15.19 -43.39
O5 MAN G . 14.96 14.16 -39.96
O6 MAN G . 12.26 15.90 -41.67
C1 NAG H . 11.16 21.43 3.17
C2 NAG H . 11.95 21.68 1.91
C3 NAG H . 11.78 23.14 1.49
C4 NAG H . 10.30 23.53 1.43
C5 NAG H . 9.52 23.03 2.65
C6 NAG H . 8.02 23.14 2.48
C7 NAG H . 14.06 20.63 1.24
C8 NAG H . 13.32 20.11 0.04
N2 NAG H . 13.35 21.38 2.09
O3 NAG H . 12.38 23.34 0.22
O4 NAG H . 10.20 24.95 1.42
O5 NAG H . 9.79 21.65 2.92
O6 NAG H . 7.41 23.75 3.61
O7 NAG H . 15.25 20.38 1.41
C1 NAG H . 9.79 25.47 0.14
C2 NAG H . 11.01 26.13 -0.52
C3 NAG H . 10.63 26.68 -1.89
C4 NAG H . 9.99 25.59 -2.74
C5 NAG H . 8.81 24.95 -1.98
C6 NAG H . 8.20 23.80 -2.73
C7 NAG H . 12.69 27.04 1.02
C8 NAG H . 13.12 28.22 1.84
N2 NAG H . 11.56 27.18 0.33
O3 NAG H . 11.80 27.19 -2.53
O4 NAG H . 9.51 26.15 -3.95
O5 NAG H . 9.27 24.45 -0.72
O6 NAG H . 7.81 22.76 -1.83
O7 NAG H . 13.35 26.00 0.99
C1 NAG I . 8.06 12.54 48.36
C2 NAG I . 8.48 11.69 49.56
C3 NAG I . 9.83 12.14 50.09
C4 NAG I . 9.83 13.63 50.43
C5 NAG I . 9.28 14.49 49.30
C6 NAG I . 10.27 14.73 48.17
C7 NAG I . 6.67 10.71 50.90
C8 NAG I . 5.69 10.93 52.01
N2 NAG I . 7.47 11.74 50.61
O3 NAG I . 10.85 11.85 49.14
O4 NAG I . 9.06 13.86 51.60
O5 NAG I . 8.07 13.95 48.72
O6 NAG I . 9.89 15.85 47.39
O7 NAG I . 6.73 9.65 50.27
C1 NAG I . 9.62 13.20 52.75
C2 NAG I . 10.32 14.21 53.65
C3 NAG I . 10.84 13.54 54.92
C4 NAG I . 9.72 12.78 55.61
C5 NAG I . 9.05 11.81 54.63
C6 NAG I . 7.85 11.10 55.22
C7 NAG I . 11.38 16.17 52.62
C8 NAG I . 10.16 16.93 53.02
N2 NAG I . 11.41 14.88 52.95
O3 NAG I . 11.38 14.51 55.80
O4 NAG I . 10.24 12.04 56.71
O5 NAG I . 8.59 12.53 53.48
O6 NAG I . 6.83 12.03 55.59
O7 NAG I . 12.32 16.71 52.03
C1 NAG J . -18.85 -11.65 40.24
C2 NAG J . -19.78 -10.43 40.23
C3 NAG J . -20.12 -10.00 41.66
C4 NAG J . -20.65 -11.19 42.46
C5 NAG J . -19.66 -12.34 42.39
C6 NAG J . -20.16 -13.58 43.10
C7 NAG J . -19.88 -8.29 39.04
C8 NAG J . -19.09 -7.24 38.31
N2 NAG J . -19.19 -9.34 39.49
O3 NAG J . -21.10 -8.97 41.63
O4 NAG J . -20.82 -10.80 43.82
O5 NAG J . -19.44 -12.70 41.02
O6 NAG J . -21.11 -14.27 42.31
O7 NAG J . -21.09 -8.19 39.21
C1 NAG J . -22.23 -10.71 44.13
C2 NAG J . -22.41 -10.97 45.62
C3 NAG J . -23.88 -10.82 46.00
C4 NAG J . -24.42 -9.48 45.56
C5 NAG J . -24.16 -9.27 44.07
C6 NAG J . -24.56 -7.89 43.59
C7 NAG J . -20.72 -12.46 46.57
C8 NAG J . -20.36 -13.88 46.89
N2 NAG J . -21.91 -12.28 45.99
O3 NAG J . -24.02 -10.98 47.42
O4 NAG J . -25.81 -9.39 45.82
O5 NAG J . -22.76 -9.42 43.80
O6 NAG J . -23.91 -6.87 44.33
O7 NAG J . -19.98 -11.53 46.86
C1 BMA J . -26.02 -8.51 46.95
C2 BMA J . -27.35 -7.73 46.71
C3 BMA J . -27.69 -6.91 47.95
C4 BMA J . -27.62 -7.75 49.23
C5 BMA J . -26.26 -8.45 49.33
C6 BMA J . -26.14 -9.34 50.55
O2 BMA J . -28.43 -8.61 46.50
O3 BMA J . -28.97 -6.30 47.84
O4 BMA J . -27.82 -6.92 50.38
O5 BMA J . -26.08 -9.26 48.16
O6 BMA J . -24.80 -9.82 50.62
C1 NAG K . -22.53 -6.21 31.68
C2 NAG K . -22.93 -4.81 31.25
C3 NAG K . -22.07 -3.78 31.97
C4 NAG K . -22.16 -3.98 33.48
C5 NAG K . -21.79 -5.43 33.83
C6 NAG K . -21.98 -5.74 35.29
C7 NAG K . -23.87 -4.47 29.02
C8 NAG K . -23.59 -4.32 27.55
N2 NAG K . -22.81 -4.65 29.81
O3 NAG K . -22.52 -2.47 31.63
O4 NAG K . -21.28 -3.10 34.16
O5 NAG K . -22.63 -6.34 33.10
O6 NAG K . -23.04 -4.98 35.85
O7 NAG K . -25.02 -4.44 29.46
C1 NAG K . -22.07 -2.03 34.73
C2 NAG K . -21.29 -1.43 35.90
C3 NAG K . -22.07 -0.26 36.48
C4 NAG K . -22.42 0.76 35.40
C5 NAG K . -23.13 0.05 34.24
C6 NAG K . -23.39 0.96 33.06
C7 NAG K . -19.93 -2.44 37.68
C8 NAG K . -19.82 -3.55 38.68
N2 NAG K . -21.03 -2.43 36.93
O3 NAG K . -21.29 0.38 37.50
O4 NAG K . -23.28 1.75 35.94
O5 NAG K . -22.32 -1.03 33.75
O6 NAG K . -22.18 1.25 32.37
O7 NAG K . -19.04 -1.59 37.54
C1 BMA K . -22.70 3.05 35.78
C2 BMA K . -23.81 4.10 36.03
C3 BMA K . -23.21 5.50 35.94
C4 BMA K . -21.95 5.63 36.82
C5 BMA K . -20.95 4.51 36.49
C6 BMA K . -19.73 4.55 37.38
O2 BMA K . -24.32 3.97 37.34
O3 BMA K . -24.17 6.50 36.28
O4 BMA K . -21.33 6.89 36.59
O5 BMA K . -21.61 3.26 36.68
O6 BMA K . -20.04 3.88 38.60
C1 MAN K . -24.14 7.55 35.29
C2 MAN K . -24.92 8.76 35.88
C3 MAN K . -26.41 8.45 35.92
C4 MAN K . -26.91 7.99 34.54
C5 MAN K . -26.09 6.79 34.07
C6 MAN K . -26.46 6.34 32.67
O2 MAN K . -24.80 9.91 35.03
O3 MAN K . -27.18 9.55 36.37
O4 MAN K . -28.28 7.64 34.62
O5 MAN K . -24.69 7.12 34.05
O6 MAN K . -25.75 5.14 32.38
C1 MAN K . -19.77 4.78 39.70
C2 MAN K . -20.13 4.02 41.00
C3 MAN K . -20.84 4.94 41.96
C4 MAN K . -20.19 6.32 41.98
C5 MAN K . -20.35 6.98 40.60
C6 MAN K . -19.19 7.89 40.21
O2 MAN K . -18.95 3.59 41.69
O3 MAN K . -20.89 4.41 43.27
O4 MAN K . -20.80 7.14 42.95
O5 MAN K . -20.50 5.98 39.56
O6 MAN K . -19.09 8.92 41.18
C1 NAG L . -20.51 12.57 -3.84
C2 NAG L . -21.34 12.43 -2.58
C3 NAG L . -21.94 13.79 -2.22
C4 NAG L . -20.87 14.88 -2.19
C5 NAG L . -19.93 14.80 -3.40
C6 NAG L . -18.70 15.67 -3.25
C7 NAG L . -22.62 10.47 -1.85
C8 NAG L . -21.74 10.45 -0.64
N2 NAG L . -22.39 11.44 -2.74
O3 NAG L . -22.57 13.70 -0.95
O4 NAG L . -21.51 16.14 -2.24
O5 NAG L . -19.46 13.47 -3.61
O6 NAG L . -18.47 16.46 -4.41
O7 NAG L . -23.52 9.64 -2.02
C1 NAG L . -21.44 16.85 -0.98
C2 NAG L . -22.83 16.82 -0.34
C3 NAG L . -22.80 17.53 1.02
C4 NAG L . -21.70 16.96 1.89
C5 NAG L . -20.36 16.99 1.15
C6 NAG L . -19.25 16.33 1.93
C7 NAG L . -24.72 16.68 -1.88
C8 NAG L . -25.69 17.44 -2.75
N2 NAG L . -23.83 17.40 -1.21
O3 NAG L . -24.07 17.40 1.65
O4 NAG L . -21.59 17.73 3.08
O5 NAG L . -20.48 16.27 -0.09
O6 NAG L . -18.37 15.61 1.07
O7 NAG L . -24.76 15.46 -1.81
#